data_4JL2
#
_entry.id   4JL2
#
_cell.length_a   67.520
_cell.length_b   95.350
_cell.length_c   97.160
_cell.angle_alpha   90.00
_cell.angle_beta   90.13
_cell.angle_gamma   90.00
#
_symmetry.space_group_name_H-M   'P 1 21 1'
#
loop_
_entity.id
_entity.type
_entity.pdbx_description
1 polymer alpha-L-fucosidase
2 non-polymer (3S,4R,5S)-N-benzyl-3,4-dihydroxy-5-methyl-D-prolinamide
3 non-polymer IMIDAZOLE
4 non-polymer 'SULFATE ION'
5 non-polymer GLYCEROL
6 water water
#
_entity_poly.entity_id   1
_entity_poly.type   'polypeptide(L)'
_entity_poly.pdbx_seq_one_letter_code
;EIPLKYGATNEGKRQDPAMQKFRDNRLGAFIHWGLYAIPGGEWNGKVYGGAAEWLKSWAKVPADEWLKLMDQWNPTKFDA
KKWAKMAKEMGTKYVKITTKHHEGFCLWPSKYTKYTVANTPYKRDILGELVKAYNDEGIDVHFYFSVMDWSNPDYRYDIK
SKEDSIAFSRFLEFTDNQLKELATRYPTVKDFWFDGTWDASVKKNGWWTAHAEKMLKELVPGVAINSRLRADDKGKRHFD
SNGRLMGDYESGYERRLPDPVKDLKVTQWDWEACMTIPENQWGYHKDWSLSYVKTPIEVIDRIVHAVSMGGNMVVNFGPQ
ADGDFRPEEKAMATAIGKWMNRYGKAVYACDYAGFEKQDWGYYTRGKNDEVYMVVFNQPYSERLIVKTPKGITVEKATLL
TTGEDITVVETTRNEYNVSVPKKNPGEPYVIQLKVRAAKGTKSIYRDALT
;
_entity_poly.pdbx_strand_id   A,B
#
loop_
_chem_comp.id
_chem_comp.type
_chem_comp.name
_chem_comp.formula
GOL non-polymer GLYCEROL 'C3 H8 O3'
IMD non-polymer IMIDAZOLE 'C3 H5 N2 1'
LM5 non-polymer (3S,4R,5S)-N-benzyl-3,4-dihydroxy-5-methyl-D-prolinamide 'C13 H18 N2 O3'
SO4 non-polymer 'SULFATE ION' 'O4 S -2'
#
# COMPACT_ATOMS: atom_id res chain seq x y z
N GLU A 1 -8.15 10.52 45.09
CA GLU A 1 -8.13 10.63 43.58
C GLU A 1 -7.95 12.07 43.17
N ILE A 2 -7.10 12.28 42.18
CA ILE A 2 -6.96 13.60 41.59
C ILE A 2 -7.82 13.54 40.35
N PRO A 3 -8.81 14.46 40.22
CA PRO A 3 -9.62 14.45 39.00
C PRO A 3 -8.78 14.83 37.78
N LEU A 4 -8.89 14.04 36.72
CA LEU A 4 -8.12 14.28 35.49
C LEU A 4 -9.01 14.06 34.29
N LYS A 5 -8.86 14.91 33.29
CA LYS A 5 -9.50 14.71 31.99
C LYS A 5 -8.61 13.94 31.02
N TYR A 6 -7.30 14.02 31.21
CA TYR A 6 -6.31 13.48 30.25
C TYR A 6 -5.37 12.44 30.84
N GLY A 7 -5.84 11.75 31.88
CA GLY A 7 -5.06 10.69 32.50
C GLY A 7 -5.35 9.35 31.87
N ALA A 8 -5.06 8.27 32.59
CA ALA A 8 -5.21 6.91 32.06
C ALA A 8 -6.59 6.54 31.52
N THR A 9 -6.59 5.77 30.42
CA THR A 9 -7.83 5.29 29.78
C THR A 9 -8.06 3.79 29.94
N ASN A 10 -6.99 3.01 30.03
CA ASN A 10 -7.09 1.57 30.28
C ASN A 10 -7.02 1.33 31.81
N GLU A 11 -7.80 0.40 32.32
CA GLU A 11 -7.56 -0.13 33.66
C GLU A 11 -7.02 -1.54 33.47
N GLY A 12 -5.78 -1.79 33.87
CA GLY A 12 -5.18 -3.11 33.63
C GLY A 12 -4.78 -3.32 32.19
N LYS A 13 -4.31 -4.52 31.91
CA LYS A 13 -3.82 -4.88 30.57
C LYS A 13 -4.98 -5.01 29.60
N ARG A 14 -4.78 -4.50 28.38
CA ARG A 14 -5.72 -4.79 27.30
C ARG A 14 -5.63 -6.28 26.97
N GLN A 15 -6.77 -6.89 26.69
CA GLN A 15 -6.78 -8.31 26.37
C GLN A 15 -7.54 -8.61 25.09
N ASP A 16 -7.79 -7.59 24.28
CA ASP A 16 -8.30 -7.79 22.95
C ASP A 16 -7.22 -8.51 22.10
N PRO A 17 -7.63 -9.15 21.00
CA PRO A 17 -6.68 -9.87 20.16
C PRO A 17 -5.50 -9.08 19.65
N ALA A 18 -5.67 -7.80 19.34
CA ALA A 18 -4.56 -7.00 18.81
C ALA A 18 -3.49 -6.81 19.89
N MET A 19 -3.90 -6.56 21.12
CA MET A 19 -2.92 -6.42 22.20
C MET A 19 -2.28 -7.77 22.53
N GLN A 20 -3.05 -8.85 22.50
CA GLN A 20 -2.50 -10.18 22.74
CA GLN A 20 -2.48 -10.19 22.76
C GLN A 20 -1.42 -10.52 21.70
N LYS A 21 -1.64 -10.08 20.46
CA LYS A 21 -0.66 -10.24 19.41
C LYS A 21 0.61 -9.39 19.66
N PHE A 22 0.44 -8.12 20.00
CA PHE A 22 1.57 -7.23 20.34
C PHE A 22 2.45 -7.92 21.39
N ARG A 23 1.80 -8.44 22.43
CA ARG A 23 2.46 -9.11 23.53
C ARG A 23 3.13 -10.45 23.13
N ASP A 24 2.35 -11.32 22.51
CA ASP A 24 2.81 -12.64 22.14
C ASP A 24 4.00 -12.60 21.16
N ASN A 25 4.05 -11.56 20.33
CA ASN A 25 5.19 -11.37 19.43
C ASN A 25 6.55 -11.43 20.16
N ARG A 26 6.59 -10.74 21.29
CA ARG A 26 7.72 -10.66 22.24
C ARG A 26 9.03 -10.04 21.73
N LEU A 27 9.50 -10.50 20.57
CA LEU A 27 10.79 -10.09 20.02
C LEU A 27 10.60 -9.25 18.76
N GLY A 28 11.11 -8.03 18.82
CA GLY A 28 11.10 -7.11 17.69
C GLY A 28 12.48 -6.63 17.30
N ALA A 29 12.55 -5.99 16.14
CA ALA A 29 13.72 -5.19 15.75
C ALA A 29 13.31 -3.74 15.61
N PHE A 30 14.25 -2.84 15.85
CA PHE A 30 14.08 -1.41 15.63
C PHE A 30 14.97 -1.03 14.43
N ILE A 31 14.46 -0.15 13.57
CA ILE A 31 15.21 0.47 12.52
C ILE A 31 15.26 1.97 12.77
N HIS A 32 16.47 2.50 12.98
CA HIS A 32 16.74 3.94 12.95
C HIS A 32 17.46 4.24 11.65
N TRP A 33 16.77 4.87 10.72
CA TRP A 33 17.33 5.23 9.42
C TRP A 33 16.80 6.60 9.02
N GLY A 34 17.73 7.49 8.71
CA GLY A 34 17.44 8.88 8.32
C GLY A 34 18.73 9.52 7.81
N LEU A 35 18.71 10.82 7.67
CA LEU A 35 19.83 11.51 7.03
C LEU A 35 21.14 11.36 7.78
N TYR A 36 21.04 11.20 9.11
CA TYR A 36 22.21 10.97 9.98
C TYR A 36 23.05 9.78 9.56
N ALA A 37 22.47 8.83 8.82
CA ALA A 37 23.27 7.69 8.30
C ALA A 37 24.36 8.12 7.33
N ILE A 38 24.15 9.23 6.64
CA ILE A 38 25.11 9.73 5.66
C ILE A 38 26.43 10.20 6.33
N PRO A 39 26.40 11.17 7.24
CA PRO A 39 27.69 11.54 7.94
C PRO A 39 28.17 10.46 8.94
N GLY A 40 27.22 9.68 9.47
CA GLY A 40 27.60 8.53 10.31
C GLY A 40 28.43 8.93 11.55
N GLY A 41 28.10 10.07 12.13
CA GLY A 41 28.73 10.55 13.35
C GLY A 41 29.90 11.49 13.15
N GLU A 42 30.26 11.76 11.90
CA GLU A 42 31.37 12.65 11.56
C GLU A 42 30.89 13.89 10.82
N TRP A 43 31.41 15.05 11.23
CA TRP A 43 31.07 16.33 10.56
C TRP A 43 32.35 17.17 10.41
N ASN A 44 32.71 17.45 9.16
CA ASN A 44 33.83 18.32 8.85
C ASN A 44 35.12 17.91 9.54
N GLY A 45 35.39 16.59 9.52
CA GLY A 45 36.62 16.03 10.04
C GLY A 45 36.65 15.71 11.53
N LYS A 46 35.54 15.94 12.22
N LYS A 46 35.54 15.93 12.22
CA LYS A 46 35.44 15.59 13.64
CA LYS A 46 35.43 15.58 13.63
C LYS A 46 34.41 14.46 13.83
C LYS A 46 34.41 14.46 13.83
N VAL A 47 34.85 13.38 14.47
CA VAL A 47 33.97 12.27 14.79
C VAL A 47 33.47 12.51 16.20
N TYR A 48 32.16 12.64 16.32
CA TYR A 48 31.54 12.93 17.59
C TYR A 48 31.15 11.63 18.27
N GLY A 49 31.43 11.54 19.56
CA GLY A 49 31.16 10.31 20.33
C GLY A 49 29.70 10.10 20.69
N GLY A 50 28.91 11.17 20.69
CA GLY A 50 27.50 11.09 21.02
C GLY A 50 26.71 10.34 19.96
N ALA A 51 25.46 10.03 20.28
CA ALA A 51 24.59 9.26 19.40
C ALA A 51 24.55 9.92 18.03
N ALA A 52 24.84 9.12 17.00
CA ALA A 52 24.92 9.63 15.60
C ALA A 52 23.66 10.34 15.11
N GLU A 53 22.50 9.89 15.55
CA GLU A 53 21.24 10.48 15.09
C GLU A 53 21.01 11.88 15.66
N TRP A 54 21.85 12.27 16.64
CA TRP A 54 21.84 13.61 17.24
C TRP A 54 23.01 14.52 16.72
N LEU A 55 23.70 14.07 15.66
CA LEU A 55 24.85 14.82 15.14
C LEU A 55 24.49 16.27 14.79
N LYS A 56 23.29 16.53 14.31
CA LYS A 56 22.88 17.93 14.02
C LYS A 56 23.11 18.83 15.24
N SER A 57 22.76 18.31 16.41
CA SER A 57 22.96 18.98 17.68
C SER A 57 24.44 19.05 18.08
N TRP A 58 25.13 17.92 18.05
CA TRP A 58 26.55 17.88 18.51
C TRP A 58 27.40 18.85 17.72
N ALA A 59 27.18 18.89 16.39
CA ALA A 59 28.00 19.71 15.49
C ALA A 59 27.37 21.09 15.22
N LYS A 60 26.26 21.38 15.88
CA LYS A 60 25.58 22.69 15.80
C LYS A 60 25.30 23.09 14.34
N VAL A 61 24.69 22.17 13.61
CA VAL A 61 24.43 22.36 12.19
C VAL A 61 23.09 23.03 12.02
N PRO A 62 23.03 24.16 11.28
CA PRO A 62 21.72 24.75 11.03
C PRO A 62 20.80 23.82 10.26
N ALA A 63 19.50 23.95 10.48
CA ALA A 63 18.50 23.07 9.84
C ALA A 63 18.63 23.03 8.33
N ASP A 64 18.73 24.18 7.67
CA ASP A 64 18.77 24.16 6.21
C ASP A 64 19.98 23.34 5.72
N GLU A 65 21.13 23.53 6.37
CA GLU A 65 22.35 22.85 6.00
C GLU A 65 22.28 21.35 6.28
N TRP A 66 21.76 20.99 7.45
CA TRP A 66 21.56 19.56 7.76
C TRP A 66 20.66 18.87 6.74
N LEU A 67 19.55 19.53 6.43
CA LEU A 67 18.54 18.94 5.53
C LEU A 67 19.02 18.83 4.08
N LYS A 68 20.05 19.59 3.74
CA LYS A 68 20.70 19.44 2.43
CA LYS A 68 20.69 19.42 2.41
C LYS A 68 21.34 18.06 2.24
N LEU A 69 21.50 17.30 3.33
CA LEU A 69 21.90 15.90 3.21
C LEU A 69 20.93 15.09 2.34
N MET A 70 19.71 15.58 2.19
CA MET A 70 18.76 14.92 1.29
C MET A 70 19.33 14.76 -0.13
N ASP A 71 20.17 15.71 -0.55
CA ASP A 71 20.77 15.67 -1.90
C ASP A 71 21.69 14.47 -2.09
N GLN A 72 22.11 13.90 -0.97
CA GLN A 72 22.95 12.70 -0.93
C GLN A 72 22.21 11.40 -0.58
N TRP A 73 20.90 11.48 -0.40
CA TRP A 73 20.09 10.31 -0.04
C TRP A 73 19.80 9.46 -1.28
N ASN A 74 20.56 8.38 -1.45
CA ASN A 74 20.47 7.52 -2.62
C ASN A 74 20.92 6.11 -2.25
N PRO A 75 20.12 5.42 -1.42
CA PRO A 75 20.56 4.12 -0.87
C PRO A 75 20.36 3.01 -1.93
N THR A 76 21.29 2.93 -2.87
CA THR A 76 21.09 2.05 -4.03
C THR A 76 21.09 0.56 -3.69
N LYS A 77 21.65 0.18 -2.53
CA LYS A 77 21.61 -1.22 -2.09
C LYS A 77 20.32 -1.60 -1.33
N PHE A 78 19.45 -0.62 -1.07
CA PHE A 78 18.17 -0.87 -0.41
C PHE A 78 17.31 -1.87 -1.14
N ASP A 79 16.82 -2.86 -0.39
CA ASP A 79 15.89 -3.85 -0.93
C ASP A 79 15.01 -4.29 0.22
N ALA A 80 13.78 -3.81 0.23
CA ALA A 80 12.82 -4.10 1.32
C ALA A 80 12.61 -5.61 1.53
N LYS A 81 12.59 -6.38 0.46
CA LYS A 81 12.46 -7.84 0.59
C LYS A 81 13.64 -8.45 1.31
N LYS A 82 14.84 -7.94 1.03
CA LYS A 82 16.03 -8.43 1.75
C LYS A 82 16.00 -8.06 3.22
N TRP A 83 15.54 -6.85 3.52
CA TRP A 83 15.38 -6.41 4.92
C TRP A 83 14.39 -7.31 5.65
N ALA A 84 13.25 -7.60 5.01
CA ALA A 84 12.25 -8.43 5.61
C ALA A 84 12.76 -9.87 5.83
N LYS A 85 13.52 -10.39 4.87
CA LYS A 85 14.13 -11.72 5.04
C LYS A 85 15.10 -11.71 6.21
N MET A 86 15.89 -10.65 6.36
CA MET A 86 16.81 -10.55 7.50
C MET A 86 16.07 -10.59 8.85
N ALA A 87 14.99 -9.83 8.93
CA ALA A 87 14.15 -9.81 10.11
C ALA A 87 13.52 -11.18 10.38
N LYS A 88 13.04 -11.82 9.34
CA LYS A 88 12.43 -13.14 9.48
C LYS A 88 13.43 -14.15 10.01
N GLU A 89 14.64 -14.14 9.43
CA GLU A 89 15.67 -15.12 9.81
C GLU A 89 16.16 -14.89 11.23
N MET A 90 16.12 -13.63 11.67
CA MET A 90 16.48 -13.27 13.06
C MET A 90 15.47 -13.79 14.08
N GLY A 91 14.23 -14.07 13.62
CA GLY A 91 13.18 -14.51 14.50
C GLY A 91 12.31 -13.38 15.05
N THR A 92 12.43 -12.18 14.48
CA THR A 92 11.62 -11.05 14.92
C THR A 92 10.19 -11.26 14.42
N LYS A 93 9.23 -10.85 15.23
CA LYS A 93 7.83 -10.98 14.90
C LYS A 93 7.23 -9.60 14.51
N TYR A 94 8.02 -8.56 14.72
CA TYR A 94 7.64 -7.20 14.40
C TYR A 94 8.85 -6.31 14.28
N VAL A 95 8.68 -5.23 13.55
CA VAL A 95 9.74 -4.27 13.33
C VAL A 95 9.16 -2.85 13.57
N LYS A 96 9.87 -2.09 14.39
CA LYS A 96 9.56 -0.69 14.65
C LYS A 96 10.48 0.18 13.79
N ILE A 97 9.92 1.13 13.03
CA ILE A 97 10.64 1.91 12.05
C ILE A 97 10.53 3.40 12.33
N THR A 98 11.68 4.10 12.36
CA THR A 98 11.67 5.56 12.42
C THR A 98 11.02 6.18 11.17
N THR A 99 9.78 6.59 11.32
CA THR A 99 9.09 7.28 10.24
C THR A 99 9.68 8.68 10.01
N LYS A 100 10.04 9.34 11.13
CA LYS A 100 10.63 10.66 11.18
C LYS A 100 11.32 10.74 12.55
N HIS A 101 12.60 11.07 12.58
CA HIS A 101 13.32 11.28 13.82
C HIS A 101 13.37 12.81 14.12
N HIS A 102 14.16 13.23 15.12
CA HIS A 102 14.13 14.61 15.52
C HIS A 102 14.51 15.55 14.36
N GLU A 103 15.41 15.09 13.50
CA GLU A 103 15.84 15.87 12.33
C GLU A 103 14.67 16.29 11.42
N GLY A 104 13.57 15.51 11.42
CA GLY A 104 12.37 15.91 10.70
C GLY A 104 12.24 15.38 9.28
N PHE A 105 13.26 14.69 8.81
CA PHE A 105 13.21 14.02 7.50
C PHE A 105 12.30 12.80 7.58
N CYS A 106 11.36 12.75 6.63
CA CYS A 106 10.33 11.73 6.61
C CYS A 106 10.67 10.61 5.64
N LEU A 107 10.57 9.38 6.13
CA LEU A 107 10.79 8.19 5.32
C LEU A 107 9.60 7.82 4.42
N TRP A 108 8.54 8.64 4.46
CA TRP A 108 7.39 8.48 3.57
C TRP A 108 7.15 9.82 2.92
N PRO A 109 6.50 9.84 1.74
CA PRO A 109 6.33 11.10 1.00
C PRO A 109 5.21 12.02 1.53
N SER A 110 5.46 12.62 2.68
CA SER A 110 4.46 13.45 3.33
C SER A 110 4.11 14.62 2.44
N LYS A 111 2.82 14.93 2.39
CA LYS A 111 2.37 16.14 1.69
C LYS A 111 2.47 17.38 2.59
N TYR A 112 2.91 17.24 3.84
CA TYR A 112 2.90 18.35 4.78
C TYR A 112 4.26 19.02 5.03
N THR A 113 5.28 18.52 4.34
CA THR A 113 6.62 19.09 4.41
C THR A 113 7.39 18.69 3.15
N LYS A 114 8.35 19.51 2.76
CA LYS A 114 9.24 19.14 1.64
C LYS A 114 10.40 18.21 2.06
N TYR A 115 10.60 18.01 3.37
CA TYR A 115 11.75 17.26 3.86
C TYR A 115 11.41 15.76 3.98
N THR A 116 11.34 15.13 2.82
CA THR A 116 10.92 13.76 2.68
C THR A 116 11.73 13.03 1.62
N VAL A 117 11.60 11.70 1.67
CA VAL A 117 12.14 10.79 0.67
C VAL A 117 11.78 11.15 -0.78
N ALA A 118 10.65 11.78 -1.00
CA ALA A 118 10.24 12.13 -2.38
C ALA A 118 11.21 13.11 -3.01
N ASN A 119 11.81 13.98 -2.20
CA ASN A 119 12.67 15.08 -2.69
C ASN A 119 14.15 14.76 -2.49
N THR A 120 14.48 13.52 -2.79
CA THR A 120 15.83 13.02 -2.80
C THR A 120 16.08 12.36 -4.14
N PRO A 121 17.35 12.09 -4.46
CA PRO A 121 17.63 11.36 -5.71
C PRO A 121 16.94 10.00 -5.76
N TYR A 122 16.76 9.35 -4.61
CA TYR A 122 16.17 8.02 -4.59
C TYR A 122 14.67 8.03 -4.87
N LYS A 123 13.97 9.08 -4.41
CA LYS A 123 12.53 9.34 -4.67
C LYS A 123 11.51 8.44 -3.98
N ARG A 124 11.86 7.19 -3.77
CA ARG A 124 10.90 6.15 -3.42
C ARG A 124 10.44 6.20 -1.96
N ASP A 125 9.23 5.71 -1.77
CA ASP A 125 8.58 5.62 -0.47
C ASP A 125 9.18 4.44 0.30
N ILE A 126 10.28 4.71 0.99
CA ILE A 126 10.96 3.69 1.78
CA ILE A 126 10.95 3.68 1.76
C ILE A 126 10.01 3.04 2.78
N LEU A 127 9.24 3.85 3.50
CA LEU A 127 8.36 3.33 4.53
C LEU A 127 7.30 2.39 3.93
N GLY A 128 6.69 2.81 2.84
CA GLY A 128 5.71 1.98 2.16
C GLY A 128 6.27 0.64 1.66
N GLU A 129 7.49 0.68 1.13
CA GLU A 129 8.13 -0.54 0.66
C GLU A 129 8.43 -1.49 1.81
N LEU A 130 8.88 -0.94 2.95
CA LEU A 130 9.11 -1.75 4.13
C LEU A 130 7.81 -2.36 4.70
N VAL A 131 6.75 -1.55 4.81
CA VAL A 131 5.48 -2.05 5.31
C VAL A 131 5.03 -3.28 4.49
N LYS A 132 5.09 -3.16 3.16
CA LYS A 132 4.67 -4.25 2.27
C LYS A 132 5.53 -5.49 2.43
N ALA A 133 6.85 -5.31 2.46
CA ALA A 133 7.78 -6.43 2.53
C ALA A 133 7.72 -7.13 3.88
N TYR A 134 7.70 -6.38 4.98
CA TYR A 134 7.59 -7.01 6.31
C TYR A 134 6.23 -7.76 6.42
N ASN A 135 5.15 -7.11 6.00
CA ASN A 135 3.85 -7.72 6.09
C ASN A 135 3.76 -9.02 5.27
N ASP A 136 4.41 -9.04 4.10
CA ASP A 136 4.42 -10.25 3.24
C ASP A 136 5.11 -11.42 3.95
N GLU A 137 6.03 -11.12 4.88
CA GLU A 137 6.71 -12.16 5.66
C GLU A 137 5.95 -12.47 6.96
N GLY A 138 4.80 -11.85 7.16
CA GLY A 138 4.00 -12.06 8.36
C GLY A 138 4.54 -11.33 9.59
N ILE A 139 5.27 -10.26 9.34
CA ILE A 139 5.89 -9.45 10.39
C ILE A 139 5.08 -8.16 10.54
N ASP A 140 4.66 -7.87 11.77
CA ASP A 140 3.93 -6.65 12.09
C ASP A 140 4.88 -5.45 12.03
N VAL A 141 4.34 -4.29 11.65
CA VAL A 141 5.08 -3.05 11.58
C VAL A 141 4.53 -2.00 12.56
N HIS A 142 5.45 -1.42 13.32
CA HIS A 142 5.16 -0.37 14.27
C HIS A 142 5.90 0.89 13.80
N PHE A 143 5.29 2.04 14.03
CA PHE A 143 5.87 3.30 13.61
C PHE A 143 6.41 4.14 14.79
N TYR A 144 7.72 4.35 14.81
CA TYR A 144 8.34 5.36 15.64
C TYR A 144 8.02 6.72 15.03
N PHE A 145 7.69 7.68 15.89
CA PHE A 145 7.43 9.06 15.47
C PHE A 145 7.92 10.07 16.50
N SER A 146 8.81 10.95 16.09
CA SER A 146 9.31 12.02 16.95
C SER A 146 8.44 13.25 16.87
N VAL A 147 7.85 13.65 18.00
CA VAL A 147 7.05 14.90 18.02
C VAL A 147 7.99 16.09 17.85
N MET A 148 9.03 16.17 18.68
CA MET A 148 10.07 17.20 18.50
C MET A 148 10.61 17.13 17.06
N ASP A 149 10.63 18.26 16.38
CA ASP A 149 10.98 18.28 14.95
C ASP A 149 11.84 19.51 14.69
N TRP A 150 13.14 19.25 14.51
CA TRP A 150 14.12 20.28 14.25
C TRP A 150 14.03 20.93 12.88
N SER A 151 13.16 20.42 12.01
CA SER A 151 13.03 20.96 10.66
C SER A 151 11.90 21.97 10.50
N ASN A 152 11.00 22.01 11.49
CA ASN A 152 9.82 22.88 11.42
C ASN A 152 10.00 24.06 12.36
N PRO A 153 10.11 25.28 11.81
CA PRO A 153 10.36 26.46 12.68
C PRO A 153 9.22 26.83 13.65
N ASP A 154 8.05 26.22 13.47
CA ASP A 154 6.95 26.37 14.42
C ASP A 154 7.11 25.53 15.70
N TYR A 155 8.00 24.55 15.71
CA TYR A 155 8.27 23.83 16.95
C TYR A 155 8.74 24.83 18.01
N ARG A 156 8.33 24.56 19.25
CA ARG A 156 8.79 25.30 20.42
C ARG A 156 9.11 24.32 21.54
N TYR A 157 10.17 24.62 22.29
CA TYR A 157 10.58 23.85 23.47
C TYR A 157 9.80 24.26 24.71
N ASP A 158 9.33 25.51 24.72
CA ASP A 158 8.47 26.02 25.80
C ASP A 158 7.62 27.13 25.20
N ILE A 159 6.56 27.49 25.91
CA ILE A 159 5.61 28.52 25.48
C ILE A 159 5.78 29.70 26.42
N LYS A 160 6.42 30.76 25.93
CA LYS A 160 6.73 31.95 26.73
C LYS A 160 6.12 33.24 26.16
N SER A 161 5.32 33.13 25.13
CA SER A 161 4.72 34.31 24.49
C SER A 161 3.51 33.91 23.69
N LYS A 162 2.70 34.90 23.35
CA LYS A 162 1.59 34.68 22.48
C LYS A 162 2.04 34.11 21.11
N GLU A 163 3.14 34.63 20.58
CA GLU A 163 3.64 34.16 19.28
C GLU A 163 4.08 32.71 19.39
N ASP A 164 4.70 32.35 20.53
CA ASP A 164 5.04 30.93 20.77
C ASP A 164 3.78 30.05 20.73
N SER A 165 2.72 30.52 21.38
CA SER A 165 1.46 29.77 21.47
C SER A 165 0.85 29.51 20.12
N ILE A 166 0.78 30.58 19.33
CA ILE A 166 0.22 30.50 18.00
C ILE A 166 1.06 29.56 17.12
N ALA A 167 2.38 29.70 17.16
CA ALA A 167 3.28 28.85 16.36
C ALA A 167 3.14 27.40 16.76
N PHE A 168 3.14 27.15 18.05
CA PHE A 168 3.07 25.76 18.52
C PHE A 168 1.73 25.12 18.18
N SER A 169 0.65 25.92 18.19
CA SER A 169 -0.66 25.42 17.76
C SER A 169 -0.60 24.96 16.28
N ARG A 170 0.05 25.74 15.44
CA ARG A 170 0.28 25.34 14.04
C ARG A 170 1.12 24.05 13.96
N PHE A 171 2.11 23.95 14.83
CA PHE A 171 2.93 22.75 14.90
C PHE A 171 2.13 21.50 15.27
N LEU A 172 1.21 21.63 16.23
CA LEU A 172 0.39 20.51 16.64
C LEU A 172 -0.55 20.11 15.51
N GLU A 173 -1.07 21.07 14.76
CA GLU A 173 -1.89 20.78 13.58
C GLU A 173 -1.09 19.99 12.52
N PHE A 174 0.13 20.46 12.23
CA PHE A 174 1.08 19.80 11.33
C PHE A 174 1.34 18.36 11.79
N THR A 175 1.55 18.21 13.10
CA THR A 175 1.80 16.90 13.65
C THR A 175 0.58 15.99 13.45
N ASP A 176 -0.61 16.48 13.79
CA ASP A 176 -1.85 15.75 13.56
C ASP A 176 -1.98 15.32 12.10
N ASN A 177 -1.67 16.24 11.20
CA ASN A 177 -1.77 15.97 9.79
C ASN A 177 -0.85 14.81 9.37
N GLN A 178 0.39 14.83 9.84
CA GLN A 178 1.34 13.74 9.54
C GLN A 178 0.88 12.41 10.15
N LEU A 179 0.38 12.45 11.38
CA LEU A 179 -0.05 11.22 12.02
C LEU A 179 -1.25 10.58 11.29
N LYS A 180 -2.20 11.40 10.86
CA LYS A 180 -3.36 10.89 10.15
C LYS A 180 -2.92 10.35 8.80
N GLU A 181 -1.93 11.00 8.21
CA GLU A 181 -1.38 10.55 6.92
C GLU A 181 -0.71 9.16 7.07
N LEU A 182 0.09 8.98 8.10
CA LEU A 182 0.68 7.67 8.37
C LEU A 182 -0.39 6.60 8.59
N ALA A 183 -1.42 6.92 9.39
CA ALA A 183 -2.44 5.94 9.78
C ALA A 183 -3.32 5.51 8.61
N THR A 184 -3.47 6.39 7.62
CA THR A 184 -4.34 6.12 6.46
C THR A 184 -3.54 5.58 5.27
N ARG A 185 -2.30 6.03 5.07
CA ARG A 185 -1.44 5.49 4.01
C ARG A 185 -0.96 4.08 4.28
N TYR A 186 -0.88 3.71 5.56
CA TYR A 186 -0.31 2.43 5.98
C TYR A 186 -1.24 1.80 7.00
N PRO A 187 -2.48 1.41 6.54
CA PRO A 187 -3.49 0.99 7.50
C PRO A 187 -3.23 -0.33 8.23
N THR A 188 -2.20 -1.07 7.82
CA THR A 188 -1.77 -2.28 8.57
C THR A 188 -0.87 -1.96 9.75
N VAL A 189 -0.55 -0.71 9.97
CA VAL A 189 0.30 -0.34 11.14
C VAL A 189 -0.34 -0.84 12.44
N LYS A 190 0.48 -1.38 13.35
CA LYS A 190 -0.05 -1.96 14.58
C LYS A 190 0.24 -1.16 15.86
N ASP A 191 1.13 -0.17 15.75
CA ASP A 191 1.59 0.57 16.94
C ASP A 191 2.19 1.90 16.50
N PHE A 192 1.99 2.93 17.33
CA PHE A 192 2.73 4.18 17.23
C PHE A 192 3.55 4.37 18.51
N TRP A 193 4.85 4.53 18.32
CA TRP A 193 5.83 4.66 19.41
C TRP A 193 6.38 6.09 19.33
N PHE A 194 5.86 6.95 20.20
CA PHE A 194 6.20 8.33 20.23
C PHE A 194 7.48 8.58 21.00
N ASP A 195 8.26 9.51 20.49
CA ASP A 195 9.47 10.01 21.12
C ASP A 195 9.48 11.53 21.05
N GLY A 196 10.41 12.15 21.77
CA GLY A 196 10.59 13.60 21.65
C GLY A 196 9.40 14.36 22.18
N THR A 197 8.90 13.91 23.32
CA THR A 197 7.70 14.48 23.95
C THR A 197 8.00 15.02 25.34
N TRP A 198 9.28 15.19 25.65
CA TRP A 198 9.73 15.57 26.99
C TRP A 198 9.72 17.10 27.23
N ASP A 199 9.67 17.89 26.17
CA ASP A 199 9.80 19.34 26.34
C ASP A 199 8.59 19.96 27.05
N ALA A 200 8.84 21.08 27.73
CA ALA A 200 7.80 21.83 28.47
C ALA A 200 6.56 22.15 27.62
N SER A 201 6.78 22.46 26.34
CA SER A 201 5.69 22.73 25.40
C SER A 201 4.67 21.57 25.31
N VAL A 202 5.17 20.34 25.22
CA VAL A 202 4.31 19.16 25.18
C VAL A 202 3.71 18.84 26.54
N LYS A 203 4.52 18.95 27.60
CA LYS A 203 4.05 18.72 28.98
C LYS A 203 2.91 19.63 29.36
N LYS A 204 2.97 20.87 28.87
CA LYS A 204 1.91 21.88 29.09
C LYS A 204 0.66 21.65 28.25
N ASN A 205 0.75 20.73 27.30
CA ASN A 205 -0.36 20.41 26.40
C ASN A 205 -0.73 18.92 26.45
N GLY A 206 -0.89 18.39 27.68
CA GLY A 206 -1.29 17.02 27.87
C GLY A 206 -2.55 16.64 27.12
N TRP A 207 -3.50 17.57 27.05
CA TRP A 207 -4.73 17.39 26.28
C TRP A 207 -4.43 16.90 24.85
N TRP A 208 -3.35 17.41 24.25
CA TRP A 208 -3.03 17.05 22.88
C TRP A 208 -2.57 15.58 22.81
N THR A 209 -1.82 15.15 23.82
CA THR A 209 -1.30 13.79 23.84
C THR A 209 -2.46 12.81 23.95
N ALA A 210 -3.45 13.13 24.77
CA ALA A 210 -4.65 12.31 24.89
C ALA A 210 -5.44 12.29 23.57
N HIS A 211 -5.54 13.45 22.95
CA HIS A 211 -6.22 13.57 21.66
C HIS A 211 -5.51 12.71 20.57
N ALA A 212 -4.18 12.73 20.54
CA ALA A 212 -3.43 11.95 19.55
C ALA A 212 -3.66 10.45 19.70
N GLU A 213 -3.65 9.97 20.95
CA GLU A 213 -3.97 8.58 21.24
C GLU A 213 -5.36 8.22 20.70
N LYS A 214 -6.34 9.06 21.03
CA LYS A 214 -7.73 8.80 20.68
CA LYS A 214 -7.74 8.82 20.68
C LYS A 214 -7.91 8.85 19.16
N MET A 215 -7.34 9.88 18.54
CA MET A 215 -7.40 10.04 17.08
C MET A 215 -6.87 8.80 16.35
N LEU A 216 -5.69 8.33 16.77
CA LEU A 216 -5.09 7.14 16.14
C LEU A 216 -5.88 5.85 16.37
N LYS A 217 -6.42 5.68 17.58
CA LYS A 217 -7.25 4.52 17.89
C LYS A 217 -8.56 4.49 17.08
N GLU A 218 -9.10 5.66 16.74
CA GLU A 218 -10.28 5.75 15.89
C GLU A 218 -9.90 5.37 14.43
N LEU A 219 -8.72 5.77 14.00
CA LEU A 219 -8.26 5.54 12.62
C LEU A 219 -7.76 4.14 12.35
N VAL A 220 -7.19 3.49 13.36
CA VAL A 220 -6.52 2.18 13.21
C VAL A 220 -7.02 1.24 14.31
N PRO A 221 -8.01 0.39 13.96
CA PRO A 221 -8.60 -0.48 14.97
C PRO A 221 -7.57 -1.33 15.66
N GLY A 222 -7.59 -1.33 16.99
CA GLY A 222 -6.67 -2.18 17.76
C GLY A 222 -5.27 -1.64 17.92
N VAL A 223 -4.96 -0.48 17.35
CA VAL A 223 -3.59 0.06 17.42
C VAL A 223 -3.11 0.21 18.86
N ALA A 224 -1.83 -0.08 19.09
CA ALA A 224 -1.17 0.21 20.35
C ALA A 224 -0.45 1.56 20.32
N ILE A 225 -0.36 2.19 21.49
CA ILE A 225 0.21 3.52 21.65
C ILE A 225 1.08 3.49 22.90
N ASN A 226 2.31 3.93 22.78
CA ASN A 226 3.25 3.86 23.92
C ASN A 226 3.02 4.92 25.00
N SER A 227 3.53 4.63 26.20
CA SER A 227 3.34 5.54 27.31
C SER A 227 4.08 6.83 27.14
N ARG A 228 5.14 6.82 26.36
CA ARG A 228 6.01 7.99 26.22
C ARG A 228 5.29 9.16 25.56
N LEU A 229 4.28 8.85 24.76
CA LEU A 229 3.45 9.92 24.17
C LEU A 229 2.85 10.84 25.24
N ARG A 230 2.44 10.21 26.35
CA ARG A 230 1.37 10.76 27.17
C ARG A 230 1.79 11.61 28.36
N ALA A 231 1.15 12.78 28.45
CA ALA A 231 1.18 13.65 29.64
C ALA A 231 -0.26 13.93 30.08
N ASP A 232 -0.47 14.01 31.39
CA ASP A 232 -1.80 14.27 31.94
C ASP A 232 -2.02 15.78 32.10
N ASP A 233 -3.15 16.13 32.73
CA ASP A 233 -3.56 17.53 32.95
C ASP A 233 -2.49 18.32 33.70
N LYS A 234 -1.71 17.64 34.52
CA LYS A 234 -0.71 18.28 35.39
C LYS A 234 0.71 18.21 34.83
N GLY A 235 0.86 17.64 33.62
CA GLY A 235 2.16 17.53 32.96
C GLY A 235 2.95 16.29 33.37
N LYS A 236 2.34 15.39 34.16
CA LYS A 236 2.99 14.13 34.52
C LYS A 236 2.98 13.15 33.35
N ARG A 237 4.15 12.54 33.09
CA ARG A 237 4.34 11.72 31.89
C ARG A 237 4.44 10.24 32.21
N HIS A 238 4.02 9.43 31.24
CA HIS A 238 4.02 7.94 31.26
C HIS A 238 2.94 7.39 32.16
N PHE A 239 3.08 7.71 33.46
CA PHE A 239 2.06 7.40 34.46
C PHE A 239 1.42 8.73 34.93
N ASP A 240 0.10 8.75 35.05
CA ASP A 240 -0.65 9.97 35.44
C ASP A 240 -0.52 10.29 36.92
N SER A 241 -1.16 11.37 37.33
CA SER A 241 -1.01 11.89 38.68
C SER A 241 -1.56 10.95 39.75
N ASN A 242 -2.35 9.98 39.33
CA ASN A 242 -2.85 8.93 40.22
C ASN A 242 -2.04 7.63 40.12
N GLY A 243 -0.91 7.69 39.43
CA GLY A 243 -0.01 6.55 39.28
C GLY A 243 -0.43 5.51 38.25
N ARG A 244 -1.42 5.85 37.43
CA ARG A 244 -1.91 4.89 36.45
C ARG A 244 -1.21 5.06 35.09
N LEU A 245 -0.83 3.95 34.52
CA LEU A 245 -0.16 3.93 33.22
C LEU A 245 -1.07 4.53 32.13
N MET A 246 -0.50 5.46 31.37
CA MET A 246 -1.19 6.02 30.21
C MET A 246 -0.69 5.33 28.94
N GLY A 247 -1.49 5.36 27.89
CA GLY A 247 -1.20 4.53 26.73
C GLY A 247 -1.40 3.05 27.04
N ASP A 248 -0.95 2.19 26.14
CA ASP A 248 -1.26 0.76 26.23
C ASP A 248 -0.14 -0.09 26.84
N TYR A 249 1.05 0.46 26.93
CA TYR A 249 2.20 -0.25 27.46
C TYR A 249 3.25 0.74 27.86
N GLU A 250 4.06 0.36 28.84
CA GLU A 250 5.15 1.21 29.32
CA GLU A 250 5.14 1.21 29.32
C GLU A 250 6.36 1.08 28.41
N SER A 251 6.88 2.20 27.97
CA SER A 251 8.03 2.26 27.11
C SER A 251 9.04 3.07 27.90
N GLY A 252 10.01 2.44 28.48
CA GLY A 252 10.92 3.21 29.30
C GLY A 252 12.26 2.64 29.63
N TYR A 253 12.40 1.33 29.43
CA TYR A 253 13.59 0.64 29.87
CA TYR A 253 13.61 0.63 29.91
C TYR A 253 14.64 0.60 28.78
N GLU A 254 14.82 1.78 28.23
CA GLU A 254 15.50 2.03 27.01
C GLU A 254 16.93 1.94 27.43
N ARG A 255 17.56 0.84 27.04
CA ARG A 255 18.92 0.60 27.41
C ARG A 255 19.09 0.42 28.96
N ARG A 256 18.08 -0.12 29.62
N ARG A 256 18.11 -0.19 29.61
CA ARG A 256 18.04 -0.33 31.09
CA ARG A 256 18.25 -0.63 31.04
C ARG A 256 17.01 -1.52 31.22
C ARG A 256 17.00 -1.28 31.74
N LEU A 257 17.14 -2.53 32.15
CA LEU A 257 15.97 -3.47 32.36
C LEU A 257 15.55 -3.55 33.83
N PRO A 258 14.27 -3.91 34.07
CA PRO A 258 13.83 -3.99 35.45
C PRO A 258 14.57 -5.08 36.19
N ASP A 259 14.78 -4.84 37.47
CA ASP A 259 15.48 -5.80 38.29
C ASP A 259 14.63 -7.03 38.56
N PRO A 260 15.18 -8.23 38.32
CA PRO A 260 14.36 -9.43 38.46
C PRO A 260 13.83 -9.72 39.86
N VAL A 261 14.46 -9.15 40.88
CA VAL A 261 14.04 -9.33 42.25
C VAL A 261 13.20 -8.15 42.77
N LYS A 262 13.64 -6.94 42.46
CA LYS A 262 13.12 -5.73 43.09
C LYS A 262 12.05 -5.00 42.29
N ASP A 263 11.93 -5.34 40.99
CA ASP A 263 10.99 -4.61 40.11
C ASP A 263 9.87 -5.48 39.56
N LEU A 264 9.35 -6.41 40.38
CA LEU A 264 8.23 -7.28 39.95
C LEU A 264 6.95 -6.51 39.65
N LYS A 265 6.85 -5.25 40.09
CA LYS A 265 5.69 -4.40 39.75
C LYS A 265 5.43 -4.34 38.25
N VAL A 266 6.46 -4.49 37.43
CA VAL A 266 6.28 -4.37 35.97
C VAL A 266 5.43 -5.48 35.40
N THR A 267 5.29 -6.58 36.14
CA THR A 267 4.45 -7.69 35.68
C THR A 267 2.97 -7.35 35.63
N GLN A 268 2.58 -6.21 36.21
CA GLN A 268 1.17 -5.80 36.29
C GLN A 268 0.71 -5.07 35.04
N TRP A 269 1.63 -4.68 34.17
CA TRP A 269 1.27 -3.99 32.91
C TRP A 269 2.09 -4.49 31.73
N ASP A 270 1.59 -4.26 30.53
CA ASP A 270 2.40 -4.53 29.35
C ASP A 270 3.51 -3.49 29.27
N TRP A 271 4.65 -3.92 28.77
CA TRP A 271 5.81 -3.07 28.62
C TRP A 271 6.75 -3.59 27.55
N GLU A 272 7.56 -2.68 27.03
CA GLU A 272 8.47 -3.00 25.95
C GLU A 272 9.79 -2.25 26.15
N ALA A 273 10.89 -3.00 26.16
CA ALA A 273 12.23 -2.40 26.25
C ALA A 273 12.80 -2.33 24.86
N CYS A 274 13.60 -1.30 24.62
CA CYS A 274 14.29 -1.16 23.34
CA CYS A 274 14.31 -1.19 23.36
C CYS A 274 15.78 -0.96 23.67
N MET A 275 16.64 -1.59 22.89
CA MET A 275 18.06 -1.65 23.21
CA MET A 275 18.05 -1.74 23.20
C MET A 275 18.93 -1.44 21.97
N THR A 276 20.07 -0.83 22.22
CA THR A 276 21.10 -0.61 21.21
C THR A 276 22.17 -1.70 21.35
N ILE A 277 22.91 -1.93 20.26
CA ILE A 277 23.99 -2.93 20.25
C ILE A 277 25.25 -2.31 20.89
N PRO A 278 25.69 -1.14 20.40
CA PRO A 278 26.66 -0.35 21.19
C PRO A 278 25.99 0.29 22.41
N GLU A 279 26.76 1.00 23.22
CA GLU A 279 26.22 1.54 24.46
C GLU A 279 25.12 2.56 24.17
N ASN A 280 25.34 3.42 23.17
CA ASN A 280 24.42 4.51 22.94
C ASN A 280 24.53 5.05 21.53
N GLN A 281 24.26 4.20 20.55
CA GLN A 281 24.17 4.59 19.15
C GLN A 281 22.91 3.93 18.59
N TRP A 282 22.01 4.73 18.03
CA TRP A 282 20.79 4.19 17.42
C TRP A 282 20.90 4.28 15.90
N GLY A 283 21.12 5.48 15.39
CA GLY A 283 21.45 5.64 14.00
C GLY A 283 22.85 5.12 13.70
N TYR A 284 23.12 4.91 12.42
CA TYR A 284 24.44 4.47 11.94
C TYR A 284 25.54 5.40 12.40
N HIS A 285 26.48 4.84 13.16
CA HIS A 285 27.73 5.53 13.51
C HIS A 285 28.89 4.73 12.93
N LYS A 286 29.78 5.42 12.22
CA LYS A 286 30.86 4.73 11.52
C LYS A 286 31.95 4.07 12.40
N ASP A 287 32.04 4.46 13.65
CA ASP A 287 33.10 3.98 14.55
C ASP A 287 32.54 3.34 15.82
N TRP A 288 32.34 2.04 15.75
CA TRP A 288 31.84 1.30 16.90
C TRP A 288 32.93 0.94 17.90
N SER A 289 34.17 1.38 17.69
CA SER A 289 35.22 1.19 18.73
C SER A 289 35.08 2.13 19.90
N LEU A 290 34.22 3.14 19.78
CA LEU A 290 34.15 4.21 20.77
C LEU A 290 33.45 3.84 22.07
N SER A 291 32.64 2.79 22.05
CA SER A 291 31.96 2.31 23.27
C SER A 291 31.83 0.81 23.22
N TYR A 292 31.36 0.22 24.32
CA TYR A 292 31.21 -1.21 24.41
C TYR A 292 30.10 -1.69 23.46
N VAL A 293 30.41 -2.75 22.70
CA VAL A 293 29.48 -3.39 21.78
C VAL A 293 29.06 -4.76 22.31
N LYS A 294 27.77 -4.95 22.50
CA LYS A 294 27.23 -6.21 23.09
C LYS A 294 27.40 -7.38 22.16
N THR A 295 27.74 -8.54 22.74
CA THR A 295 27.83 -9.77 21.99
C THR A 295 26.45 -10.39 21.84
N PRO A 296 26.29 -11.32 20.89
CA PRO A 296 24.99 -11.97 20.77
C PRO A 296 24.44 -12.56 22.04
N ILE A 297 25.26 -13.25 22.84
CA ILE A 297 24.75 -13.83 24.08
C ILE A 297 24.27 -12.75 25.05
N GLU A 298 24.99 -11.64 25.14
CA GLU A 298 24.53 -10.50 25.95
C GLU A 298 23.16 -9.96 25.51
N VAL A 299 22.93 -9.94 24.21
CA VAL A 299 21.63 -9.51 23.68
C VAL A 299 20.54 -10.54 23.98
N ILE A 300 20.84 -11.83 23.81
CA ILE A 300 19.89 -12.89 24.06
C ILE A 300 19.48 -12.90 25.54
N ASP A 301 20.45 -12.67 26.42
CA ASP A 301 20.18 -12.57 27.85
C ASP A 301 19.12 -11.48 28.13
N ARG A 302 19.29 -10.33 27.48
CA ARG A 302 18.36 -9.23 27.66
C ARG A 302 16.97 -9.58 27.11
N ILE A 303 16.91 -10.23 25.97
CA ILE A 303 15.64 -10.68 25.41
C ILE A 303 14.87 -11.58 26.38
N VAL A 304 15.54 -12.64 26.87
CA VAL A 304 14.90 -13.56 27.76
C VAL A 304 14.53 -12.87 29.10
N HIS A 305 15.42 -12.02 29.58
CA HIS A 305 15.17 -11.23 30.80
C HIS A 305 13.84 -10.47 30.69
N ALA A 306 13.64 -9.78 29.58
CA ALA A 306 12.40 -9.02 29.39
C ALA A 306 11.17 -9.93 29.43
N VAL A 307 11.22 -11.03 28.69
CA VAL A 307 10.07 -11.97 28.61
C VAL A 307 9.79 -12.59 29.97
N SER A 308 10.86 -12.87 30.71
CA SER A 308 10.75 -13.44 32.05
C SER A 308 10.01 -12.53 33.05
N MET A 309 9.95 -11.25 32.74
CA MET A 309 9.29 -10.25 33.56
C MET A 309 8.10 -9.65 32.84
N GLY A 310 7.60 -10.37 31.83
CA GLY A 310 6.31 -10.02 31.19
C GLY A 310 6.39 -8.92 30.15
N GLY A 311 7.59 -8.68 29.61
CA GLY A 311 7.79 -7.59 28.65
C GLY A 311 8.32 -8.06 27.30
N ASN A 312 8.23 -7.18 26.33
CA ASN A 312 8.82 -7.36 25.01
C ASN A 312 10.25 -6.75 24.98
N MET A 313 11.05 -7.21 24.02
CA MET A 313 12.37 -6.64 23.77
C MET A 313 12.52 -6.38 22.27
N VAL A 314 13.04 -5.19 21.98
CA VAL A 314 13.30 -4.73 20.62
C VAL A 314 14.80 -4.39 20.45
N VAL A 315 15.45 -5.07 19.52
CA VAL A 315 16.86 -4.90 19.25
C VAL A 315 17.07 -3.93 18.09
N ASN A 316 17.82 -2.85 18.31
CA ASN A 316 18.00 -1.80 17.31
C ASN A 316 19.10 -2.07 16.29
N PHE A 317 18.80 -1.64 15.07
CA PHE A 317 19.68 -1.64 13.90
C PHE A 317 19.71 -0.25 13.30
N GLY A 318 20.91 0.20 12.92
CA GLY A 318 21.09 1.48 12.25
C GLY A 318 21.67 1.25 10.86
N PRO A 319 20.80 1.10 9.85
CA PRO A 319 21.32 0.80 8.52
C PRO A 319 22.27 1.86 7.96
N GLN A 320 23.16 1.39 7.11
CA GLN A 320 24.11 2.23 6.38
C GLN A 320 23.39 3.16 5.43
N ALA A 321 24.06 4.25 5.07
CA ALA A 321 23.50 5.20 4.10
C ALA A 321 23.17 4.51 2.77
N ASP A 322 23.89 3.44 2.42
CA ASP A 322 23.70 2.79 1.14
C ASP A 322 22.49 1.84 1.11
N GLY A 323 21.87 1.62 2.26
CA GLY A 323 20.70 0.76 2.34
C GLY A 323 21.00 -0.69 2.69
N ASP A 324 22.27 -0.99 2.98
CA ASP A 324 22.66 -2.30 3.50
C ASP A 324 22.93 -2.20 4.99
N PHE A 325 23.11 -3.37 5.61
CA PHE A 325 23.48 -3.45 7.02
C PHE A 325 24.96 -3.74 7.21
N ARG A 326 25.56 -3.10 8.21
CA ARG A 326 26.95 -3.35 8.57
C ARG A 326 27.20 -4.81 9.01
N PRO A 327 28.45 -5.30 8.87
CA PRO A 327 28.73 -6.71 9.18
C PRO A 327 28.39 -7.12 10.60
N GLU A 328 28.57 -6.22 11.56
CA GLU A 328 28.32 -6.55 12.97
C GLU A 328 26.84 -6.86 13.19
N GLU A 329 25.98 -6.10 12.48
CA GLU A 329 24.55 -6.28 12.55
C GLU A 329 24.06 -7.53 11.85
N LYS A 330 24.64 -7.83 10.68
CA LYS A 330 24.30 -9.08 10.00
C LYS A 330 24.69 -10.26 10.91
N ALA A 331 25.84 -10.17 11.57
CA ALA A 331 26.27 -11.27 12.46
C ALA A 331 25.32 -11.41 13.64
N MET A 332 24.93 -10.27 14.21
CA MET A 332 24.03 -10.27 15.36
C MET A 332 22.69 -10.90 15.01
N ALA A 333 22.10 -10.47 13.91
CA ALA A 333 20.77 -10.97 13.51
C ALA A 333 20.83 -12.47 13.26
N THR A 334 21.89 -12.92 12.59
CA THR A 334 22.02 -14.33 12.28
C THR A 334 22.21 -15.17 13.56
N ALA A 335 23.00 -14.68 14.50
CA ALA A 335 23.24 -15.42 15.75
C ALA A 335 21.97 -15.51 16.61
N ILE A 336 21.24 -14.39 16.70
CA ILE A 336 19.95 -14.38 17.40
C ILE A 336 18.99 -15.36 16.74
N GLY A 337 18.93 -15.33 15.41
CA GLY A 337 18.00 -16.21 14.71
C GLY A 337 18.29 -17.68 14.92
N LYS A 338 19.56 -18.04 14.94
CA LYS A 338 19.98 -19.43 15.18
CA LYS A 338 19.96 -19.42 15.19
C LYS A 338 19.50 -19.85 16.58
N TRP A 339 19.70 -18.99 17.58
CA TRP A 339 19.31 -19.33 18.95
C TRP A 339 17.80 -19.42 19.07
N MET A 340 17.10 -18.44 18.49
CA MET A 340 15.63 -18.41 18.54
CA MET A 340 15.63 -18.41 18.54
C MET A 340 15.00 -19.62 17.83
N ASN A 341 15.64 -20.09 16.78
CA ASN A 341 15.10 -21.25 16.07
C ASN A 341 15.15 -22.50 16.96
N ARG A 342 16.15 -22.57 17.81
CA ARG A 342 16.35 -23.71 18.70
C ARG A 342 15.53 -23.57 20.01
N TYR A 343 15.46 -22.35 20.56
CA TYR A 343 14.96 -22.15 21.91
C TYR A 343 13.74 -21.21 22.01
N GLY A 344 13.21 -20.75 20.87
CA GLY A 344 12.16 -19.76 20.85
C GLY A 344 10.83 -20.16 21.48
N LYS A 345 10.61 -21.47 21.69
CA LYS A 345 9.41 -21.91 22.42
C LYS A 345 9.37 -21.35 23.85
N ALA A 346 10.53 -20.96 24.38
CA ALA A 346 10.62 -20.32 25.70
C ALA A 346 10.50 -18.78 25.67
N VAL A 347 10.34 -18.22 24.48
CA VAL A 347 10.28 -16.77 24.29
C VAL A 347 8.94 -16.34 23.72
N TYR A 348 8.62 -16.80 22.52
CA TYR A 348 7.38 -16.39 21.87
C TYR A 348 6.17 -16.80 22.70
N ALA A 349 5.24 -15.87 22.87
CA ALA A 349 4.01 -16.11 23.63
C ALA A 349 4.24 -16.55 25.07
N CYS A 350 5.38 -16.20 25.64
CA CYS A 350 5.69 -16.55 27.01
C CYS A 350 5.58 -15.31 27.91
N ASP A 351 5.65 -15.57 29.21
CA ASP A 351 5.35 -14.54 30.19
C ASP A 351 6.02 -14.89 31.53
N TYR A 352 5.82 -14.02 32.49
CA TYR A 352 6.34 -14.19 33.87
C TYR A 352 5.81 -15.47 34.49
N ALA A 353 6.69 -16.20 35.15
CA ALA A 353 6.38 -17.53 35.70
C ALA A 353 6.01 -17.55 37.18
N GLY A 354 6.31 -16.50 37.93
CA GLY A 354 5.94 -16.43 39.35
C GLY A 354 6.86 -17.20 40.29
N PHE A 355 8.04 -17.55 39.79
CA PHE A 355 9.01 -18.30 40.58
C PHE A 355 10.08 -17.33 41.12
N GLU A 356 10.62 -17.65 42.29
CA GLU A 356 11.77 -16.94 42.83
C GLU A 356 12.97 -17.02 41.88
N LYS A 357 13.61 -15.88 41.64
CA LYS A 357 14.76 -15.80 40.74
C LYS A 357 15.93 -16.66 41.24
N GLN A 358 16.51 -17.44 40.34
CA GLN A 358 17.73 -18.21 40.61
C GLN A 358 18.93 -17.71 39.77
N ASP A 359 20.15 -18.03 40.22
CA ASP A 359 21.38 -17.46 39.61
C ASP A 359 21.73 -17.99 38.22
N TRP A 360 21.19 -19.17 37.86
CA TRP A 360 21.53 -19.84 36.60
C TRP A 360 20.93 -19.16 35.38
N GLY A 361 19.97 -18.28 35.60
CA GLY A 361 19.23 -17.66 34.47
C GLY A 361 17.80 -17.34 34.82
N TYR A 362 16.89 -17.54 33.84
CA TYR A 362 15.53 -17.02 33.94
C TYR A 362 14.50 -18.13 33.72
N TYR A 363 13.36 -18.00 34.38
CA TYR A 363 12.19 -18.77 34.03
C TYR A 363 11.29 -18.00 33.08
N THR A 364 10.63 -18.73 32.18
CA THR A 364 9.50 -18.17 31.46
C THR A 364 8.36 -19.19 31.53
N ARG A 365 7.15 -18.70 31.31
CA ARG A 365 5.94 -19.53 31.35
C ARG A 365 5.24 -19.49 30.02
N GLY A 366 4.92 -20.66 29.49
CA GLY A 366 4.14 -20.78 28.25
C GLY A 366 2.63 -20.68 28.49
N LYS A 367 1.87 -20.77 27.40
CA LYS A 367 0.42 -20.61 27.46
C LYS A 367 -0.31 -21.79 28.09
N ASN A 368 0.35 -22.94 28.20
CA ASN A 368 -0.30 -24.11 28.78
C ASN A 368 0.45 -24.63 30.01
N ASP A 369 0.87 -23.70 30.86
CA ASP A 369 1.55 -23.97 32.13
C ASP A 369 2.96 -24.55 32.03
N GLU A 370 3.57 -24.55 30.84
CA GLU A 370 4.96 -24.97 30.69
C GLU A 370 5.83 -23.96 31.44
N VAL A 371 6.82 -24.45 32.19
CA VAL A 371 7.81 -23.57 32.81
C VAL A 371 9.19 -23.91 32.24
N TYR A 372 9.79 -22.92 31.60
CA TYR A 372 11.07 -23.04 30.94
C TYR A 372 12.14 -22.47 31.81
N MET A 373 13.19 -23.25 32.03
CA MET A 373 14.45 -22.76 32.64
C MET A 373 15.41 -22.40 31.51
N VAL A 374 15.77 -21.13 31.41
CA VAL A 374 16.71 -20.65 30.42
C VAL A 374 18.04 -20.35 31.10
N VAL A 375 19.00 -21.24 30.86
CA VAL A 375 20.27 -21.27 31.62
C VAL A 375 21.34 -20.48 30.88
N PHE A 376 21.79 -19.41 31.52
CA PHE A 376 22.89 -18.57 31.04
C PHE A 376 24.19 -18.72 31.82
N ASN A 377 24.09 -19.19 33.05
CA ASN A 377 25.24 -19.31 33.96
C ASN A 377 25.28 -20.73 34.51
N GLN A 378 26.26 -21.50 34.03
CA GLN A 378 26.31 -22.96 34.27
C GLN A 378 26.96 -23.25 35.64
N PRO A 379 26.21 -23.84 36.58
CA PRO A 379 26.79 -24.12 37.89
CA PRO A 379 26.88 -24.06 37.87
C PRO A 379 27.91 -25.17 37.86
N TYR A 380 29.06 -24.88 38.51
CA TYR A 380 30.10 -25.91 38.69
C TYR A 380 29.56 -27.08 39.47
N SER A 381 28.57 -26.83 40.33
CA SER A 381 27.91 -27.93 41.08
C SER A 381 27.17 -28.94 40.19
N GLU A 382 26.89 -28.55 38.93
CA GLU A 382 26.14 -29.38 37.99
C GLU A 382 24.67 -29.61 38.40
N ARG A 383 24.18 -28.71 39.25
CA ARG A 383 22.82 -28.73 39.79
C ARG A 383 22.23 -27.34 39.64
N LEU A 384 21.03 -27.27 39.06
CA LEU A 384 20.27 -26.04 38.89
C LEU A 384 19.18 -26.00 39.94
N ILE A 385 19.31 -25.07 40.89
CA ILE A 385 18.35 -24.99 41.99
C ILE A 385 16.99 -24.44 41.50
N VAL A 386 15.93 -25.17 41.80
CA VAL A 386 14.55 -24.73 41.56
C VAL A 386 13.76 -24.73 42.87
N LYS A 387 13.40 -23.51 43.33
CA LYS A 387 12.51 -23.32 44.48
C LYS A 387 11.12 -23.00 43.93
N THR A 388 10.18 -23.86 44.27
CA THR A 388 8.79 -23.74 43.74
C THR A 388 7.91 -22.90 44.65
N PRO A 389 6.94 -22.16 44.07
CA PRO A 389 5.96 -21.47 44.89
C PRO A 389 5.16 -22.48 45.71
N LYS A 390 4.49 -22.01 46.77
CA LYS A 390 3.66 -22.89 47.58
C LYS A 390 2.66 -23.63 46.71
N GLY A 391 2.55 -24.94 46.95
CA GLY A 391 1.59 -25.78 46.27
C GLY A 391 1.97 -26.26 44.88
N ILE A 392 3.15 -25.86 44.40
CA ILE A 392 3.62 -26.24 43.09
CA ILE A 392 3.62 -26.24 43.09
C ILE A 392 4.72 -27.29 43.24
N THR A 393 4.61 -28.37 42.47
CA THR A 393 5.62 -29.39 42.41
C THR A 393 6.13 -29.57 40.97
N VAL A 394 7.35 -30.12 40.87
CA VAL A 394 7.99 -30.40 39.59
C VAL A 394 7.86 -31.88 39.34
N GLU A 395 7.15 -32.24 38.28
CA GLU A 395 6.89 -33.63 37.92
C GLU A 395 7.92 -34.20 36.94
N LYS A 396 8.51 -33.34 36.11
CA LYS A 396 9.41 -33.80 35.05
C LYS A 396 10.24 -32.62 34.58
N ALA A 397 11.45 -32.92 34.12
CA ALA A 397 12.30 -31.96 33.42
C ALA A 397 12.80 -32.62 32.16
N THR A 398 12.86 -31.83 31.09
CA THR A 398 13.18 -32.31 29.76
C THR A 398 14.08 -31.28 29.05
N LEU A 399 15.15 -31.73 28.42
CA LEU A 399 15.98 -30.83 27.61
C LEU A 399 15.20 -30.48 26.35
N LEU A 400 14.98 -29.18 26.13
CA LEU A 400 14.05 -28.77 25.08
C LEU A 400 14.45 -29.32 23.72
N THR A 401 15.72 -29.23 23.37
CA THR A 401 16.15 -29.52 22.00
C THR A 401 16.06 -31.00 21.66
N THR A 402 16.40 -31.86 22.62
CA THR A 402 16.50 -33.30 22.34
C THR A 402 15.35 -34.12 22.90
N GLY A 403 14.62 -33.56 23.86
CA GLY A 403 13.59 -34.29 24.58
C GLY A 403 14.13 -35.26 25.62
N GLU A 404 15.42 -35.23 25.90
CA GLU A 404 15.97 -36.16 26.87
C GLU A 404 15.51 -35.81 28.30
N ASP A 405 15.29 -36.84 29.10
CA ASP A 405 14.80 -36.69 30.45
C ASP A 405 15.96 -36.19 31.30
N ILE A 406 15.65 -35.26 32.20
CA ILE A 406 16.66 -34.64 33.08
C ILE A 406 16.28 -34.99 34.51
N THR A 407 17.23 -35.48 35.29
CA THR A 407 16.95 -35.88 36.67
C THR A 407 16.58 -34.69 37.57
N VAL A 408 15.56 -34.89 38.37
CA VAL A 408 15.04 -33.91 39.32
C VAL A 408 15.09 -34.56 40.69
N VAL A 409 15.79 -33.94 41.62
CA VAL A 409 15.96 -34.47 42.98
C VAL A 409 15.42 -33.46 43.97
N GLU A 410 14.53 -33.91 44.83
CA GLU A 410 14.01 -33.07 45.89
C GLU A 410 15.08 -32.91 46.98
N THR A 411 15.42 -31.69 47.31
CA THR A 411 16.47 -31.46 48.34
C THR A 411 15.92 -31.05 49.68
N THR A 412 14.87 -30.24 49.64
CA THR A 412 14.14 -29.77 50.81
C THR A 412 12.69 -29.71 50.41
N ARG A 413 11.80 -29.42 51.36
N ARG A 413 11.85 -29.38 51.39
CA ARG A 413 10.38 -29.29 51.05
CA ARG A 413 10.49 -28.94 51.16
C ARG A 413 10.15 -27.92 50.35
C ARG A 413 10.55 -27.81 50.14
N ASN A 414 9.90 -27.95 49.02
CA ASN A 414 9.80 -26.76 48.12
C ASN A 414 11.07 -26.45 47.29
N GLU A 415 12.12 -27.30 47.36
CA GLU A 415 13.32 -27.06 46.57
C GLU A 415 13.82 -28.36 45.92
N TYR A 416 14.25 -28.21 44.66
CA TYR A 416 14.82 -29.27 43.88
C TYR A 416 16.18 -28.86 43.30
N ASN A 417 17.01 -29.87 43.06
CA ASN A 417 18.14 -29.78 42.17
C ASN A 417 17.70 -30.41 40.84
N VAL A 418 17.70 -29.62 39.79
CA VAL A 418 17.53 -30.14 38.43
C VAL A 418 18.91 -30.32 37.86
N SER A 419 19.24 -31.53 37.44
CA SER A 419 20.59 -31.79 36.91
CA SER A 419 20.58 -31.78 36.91
C SER A 419 20.83 -31.01 35.63
N VAL A 420 22.08 -30.57 35.41
CA VAL A 420 22.46 -30.07 34.08
C VAL A 420 22.44 -31.25 33.10
N PRO A 421 22.38 -30.97 31.79
CA PRO A 421 22.41 -32.07 30.81
C PRO A 421 23.73 -32.85 30.86
N LYS A 422 23.69 -34.11 30.46
CA LYS A 422 24.91 -34.95 30.52
C LYS A 422 26.03 -34.37 29.69
N LYS A 423 25.64 -33.76 28.57
CA LYS A 423 26.57 -33.06 27.69
C LYS A 423 26.32 -31.54 27.79
N ASN A 424 27.35 -30.77 28.12
CA ASN A 424 27.22 -29.32 28.20
C ASN A 424 26.76 -28.77 26.85
N PRO A 425 25.60 -28.09 26.83
CA PRO A 425 25.11 -27.58 25.55
C PRO A 425 26.02 -26.54 24.89
N GLY A 426 26.90 -25.90 25.66
CA GLY A 426 27.91 -24.99 25.11
C GLY A 426 27.37 -23.64 24.66
N GLU A 427 26.15 -23.33 25.07
CA GLU A 427 25.44 -22.08 24.78
C GLU A 427 24.30 -21.99 25.79
N PRO A 428 23.71 -20.79 25.97
CA PRO A 428 22.51 -20.73 26.82
C PRO A 428 21.43 -21.70 26.29
N TYR A 429 20.82 -22.44 27.19
CA TYR A 429 19.96 -23.56 26.82
C TYR A 429 18.67 -23.60 27.65
N VAL A 430 17.71 -24.42 27.22
CA VAL A 430 16.41 -24.51 27.86
C VAL A 430 16.10 -25.91 28.39
N ILE A 431 15.68 -25.97 29.65
CA ILE A 431 15.08 -27.17 30.22
C ILE A 431 13.63 -26.86 30.50
N GLN A 432 12.72 -27.69 29.98
CA GLN A 432 11.30 -27.50 30.18
C GLN A 432 10.83 -28.33 31.35
N LEU A 433 10.16 -27.68 32.29
CA LEU A 433 9.56 -28.37 33.43
C LEU A 433 8.06 -28.61 33.21
N LYS A 434 7.62 -29.78 33.62
CA LYS A 434 6.21 -30.07 33.85
C LYS A 434 5.93 -29.86 35.34
N VAL A 435 5.04 -28.93 35.65
CA VAL A 435 4.67 -28.63 37.04
C VAL A 435 3.18 -28.93 37.31
N ARG A 436 2.86 -29.13 38.58
CA ARG A 436 1.50 -29.44 39.02
CA ARG A 436 1.50 -29.45 39.02
C ARG A 436 1.18 -28.56 40.20
N ALA A 437 -0.06 -28.05 40.24
CA ALA A 437 -0.53 -27.20 41.34
C ALA A 437 -1.50 -28.00 42.20
N ALA A 438 -1.30 -27.99 43.53
CA ALA A 438 -2.10 -28.79 44.49
C ALA A 438 -3.61 -28.72 44.29
N GLU B 1 -29.15 27.99 -10.45
CA GLU B 1 -28.27 27.00 -9.75
C GLU B 1 -29.05 26.20 -8.74
N ILE B 2 -28.81 24.90 -8.72
CA ILE B 2 -29.34 24.03 -7.68
C ILE B 2 -28.21 23.89 -6.66
N PRO B 3 -28.45 24.26 -5.39
CA PRO B 3 -27.40 24.04 -4.40
C PRO B 3 -27.10 22.56 -4.19
N LEU B 4 -25.83 22.20 -4.22
CA LEU B 4 -25.39 20.82 -4.02
C LEU B 4 -24.17 20.77 -3.10
N LYS B 5 -24.15 19.78 -2.22
CA LYS B 5 -22.95 19.47 -1.43
C LYS B 5 -22.04 18.42 -2.12
N TYR B 6 -22.62 17.58 -2.98
CA TYR B 6 -21.91 16.42 -3.56
C TYR B 6 -21.88 16.40 -5.09
N GLY B 7 -21.96 17.57 -5.69
CA GLY B 7 -21.89 17.73 -7.12
C GLY B 7 -20.46 17.92 -7.58
N ALA B 8 -20.29 18.50 -8.76
CA ALA B 8 -18.98 18.77 -9.28
C ALA B 8 -18.27 19.72 -8.36
N THR B 9 -16.97 19.50 -8.16
CA THR B 9 -16.12 20.40 -7.37
C THR B 9 -15.16 21.18 -8.26
N ASN B 10 -14.77 20.59 -9.40
CA ASN B 10 -13.94 21.24 -10.41
C ASN B 10 -14.71 21.53 -11.70
N GLU B 11 -14.27 22.57 -12.40
CA GLU B 11 -14.78 22.85 -13.72
C GLU B 11 -13.61 22.88 -14.70
N GLY B 12 -13.81 22.32 -15.87
CA GLY B 12 -12.77 22.25 -16.87
C GLY B 12 -11.87 21.04 -16.68
N LYS B 13 -11.04 20.82 -17.67
CA LYS B 13 -10.12 19.68 -17.66
C LYS B 13 -9.01 19.89 -16.63
N ARG B 14 -8.64 18.83 -15.94
CA ARG B 14 -7.42 18.86 -15.13
C ARG B 14 -6.23 19.00 -16.07
N GLN B 15 -5.24 19.80 -15.68
CA GLN B 15 -4.04 19.94 -16.50
C GLN B 15 -2.74 19.72 -15.71
N ASP B 16 -2.85 19.07 -14.56
CA ASP B 16 -1.68 18.57 -13.84
C ASP B 16 -1.04 17.44 -14.65
N PRO B 17 0.25 17.17 -14.42
CA PRO B 17 0.96 16.15 -15.18
C PRO B 17 0.33 14.76 -15.17
N ALA B 18 -0.27 14.36 -14.05
CA ALA B 18 -0.86 13.01 -13.97
C ALA B 18 -2.07 12.91 -14.93
N MET B 19 -2.88 13.97 -15.00
CA MET B 19 -4.00 13.93 -15.95
C MET B 19 -3.50 14.03 -17.37
N GLN B 20 -2.46 14.84 -17.62
CA GLN B 20 -1.91 14.94 -18.97
CA GLN B 20 -1.90 14.94 -18.97
C GLN B 20 -1.39 13.57 -19.44
N LYS B 21 -0.83 12.79 -18.53
CA LYS B 21 -0.38 11.45 -18.84
C LYS B 21 -1.55 10.49 -19.13
N PHE B 22 -2.57 10.53 -18.29
CA PHE B 22 -3.80 9.74 -18.51
C PHE B 22 -4.32 9.96 -19.93
N ARG B 23 -4.40 11.24 -20.29
CA ARG B 23 -4.90 11.66 -21.61
C ARG B 23 -3.96 11.26 -22.74
N ASP B 24 -2.68 11.59 -22.60
CA ASP B 24 -1.70 11.36 -23.65
C ASP B 24 -1.53 9.88 -23.95
N ASN B 25 -1.73 9.02 -22.94
CA ASN B 25 -1.67 7.59 -23.15
C ASN B 25 -2.57 7.13 -24.32
N ARG B 26 -3.79 7.64 -24.31
CA ARG B 26 -4.86 7.42 -25.33
C ARG B 26 -5.39 6.03 -25.54
N LEU B 27 -4.51 5.05 -25.69
CA LEU B 27 -4.90 3.68 -25.98
C LEU B 27 -4.60 2.77 -24.79
N GLY B 28 -5.65 2.15 -24.29
CA GLY B 28 -5.57 1.16 -23.22
C GLY B 28 -6.18 -0.19 -23.57
N ALA B 29 -5.85 -1.19 -22.76
CA ALA B 29 -6.53 -2.47 -22.76
C ALA B 29 -7.29 -2.65 -21.46
N PHE B 30 -8.38 -3.39 -21.55
CA PHE B 30 -9.19 -3.77 -20.40
C PHE B 30 -8.96 -5.28 -20.18
N ILE B 31 -8.84 -5.69 -18.92
CA ILE B 31 -8.82 -7.10 -18.55
C ILE B 31 -10.03 -7.37 -17.63
N HIS B 32 -10.94 -8.24 -18.10
CA HIS B 32 -11.98 -8.82 -17.28
C HIS B 32 -11.59 -10.25 -17.00
N TRP B 33 -11.15 -10.51 -15.76
CA TRP B 33 -10.73 -11.85 -15.35
C TRP B 33 -11.25 -12.07 -13.95
N GLY B 34 -11.98 -13.16 -13.80
CA GLY B 34 -12.57 -13.57 -12.52
C GLY B 34 -13.10 -15.00 -12.65
N LEU B 35 -13.87 -15.42 -11.67
CA LEU B 35 -14.35 -16.82 -11.63
C LEU B 35 -15.18 -17.20 -12.85
N TYR B 36 -15.87 -16.23 -13.43
CA TYR B 36 -16.67 -16.45 -14.64
C TYR B 36 -15.88 -17.04 -15.82
N ALA B 37 -14.57 -16.85 -15.83
CA ALA B 37 -13.75 -17.44 -16.88
C ALA B 37 -13.77 -18.97 -16.87
N ILE B 38 -13.99 -19.58 -15.71
CA ILE B 38 -14.03 -21.03 -15.57
C ILE B 38 -15.22 -21.63 -16.34
N PRO B 39 -16.47 -21.23 -16.04
CA PRO B 39 -17.59 -21.81 -16.83
C PRO B 39 -17.67 -21.25 -18.25
N GLY B 40 -17.14 -20.04 -18.44
CA GLY B 40 -17.05 -19.46 -19.80
C GLY B 40 -18.39 -19.37 -20.51
N GLY B 41 -19.44 -19.02 -19.77
CA GLY B 41 -20.79 -18.86 -20.35
C GLY B 41 -21.72 -20.07 -20.32
N GLU B 42 -21.22 -21.18 -19.80
CA GLU B 42 -21.95 -22.43 -19.76
C GLU B 42 -22.13 -22.86 -18.29
N TRP B 43 -23.33 -23.26 -17.95
CA TRP B 43 -23.64 -23.76 -16.59
C TRP B 43 -24.53 -25.02 -16.66
N ASN B 44 -24.08 -26.11 -16.06
CA ASN B 44 -24.84 -27.35 -16.04
C ASN B 44 -25.29 -27.81 -17.42
N GLY B 45 -24.39 -27.70 -18.38
CA GLY B 45 -24.65 -28.21 -19.72
C GLY B 45 -25.38 -27.25 -20.64
N LYS B 46 -25.72 -26.07 -20.15
CA LYS B 46 -26.45 -25.07 -20.94
C LYS B 46 -25.58 -23.85 -21.21
N VAL B 47 -25.48 -23.46 -22.48
CA VAL B 47 -24.73 -22.27 -22.84
C VAL B 47 -25.69 -21.08 -22.85
N TYR B 48 -25.37 -20.04 -22.09
CA TYR B 48 -26.16 -18.81 -22.04
C TYR B 48 -25.58 -17.72 -22.94
N GLY B 49 -26.44 -17.03 -23.68
CA GLY B 49 -25.97 -16.03 -24.65
C GLY B 49 -25.61 -14.67 -24.06
N GLY B 50 -26.06 -14.40 -22.84
CA GLY B 50 -25.76 -13.14 -22.19
C GLY B 50 -24.27 -13.02 -21.84
N ALA B 51 -23.86 -11.82 -21.44
CA ALA B 51 -22.46 -11.53 -21.08
C ALA B 51 -21.96 -12.52 -20.03
N ALA B 52 -20.85 -13.18 -20.33
CA ALA B 52 -20.34 -14.32 -19.53
C ALA B 52 -20.03 -13.94 -18.09
N GLU B 53 -19.60 -12.70 -17.87
CA GLU B 53 -19.29 -12.26 -16.50
C GLU B 53 -20.53 -12.06 -15.61
N TRP B 54 -21.72 -12.13 -16.25
CA TRP B 54 -23.04 -12.10 -15.58
C TRP B 54 -23.70 -13.48 -15.50
N LEU B 55 -22.93 -14.54 -15.80
CA LEU B 55 -23.50 -15.92 -15.81
C LEU B 55 -24.14 -16.30 -14.49
N LYS B 56 -23.58 -15.84 -13.37
CA LYS B 56 -24.22 -16.13 -12.08
C LYS B 56 -25.72 -15.75 -12.13
N SER B 57 -26.00 -14.59 -12.73
CA SER B 57 -27.33 -14.10 -12.87
C SER B 57 -28.14 -14.93 -13.87
N TRP B 58 -27.61 -15.11 -15.08
CA TRP B 58 -28.38 -15.81 -16.12
C TRP B 58 -28.79 -17.22 -15.71
N ALA B 59 -27.88 -17.92 -15.05
CA ALA B 59 -28.10 -19.32 -14.65
C ALA B 59 -28.65 -19.48 -13.23
N LYS B 60 -28.99 -18.35 -12.61
CA LYS B 60 -29.64 -18.35 -11.31
C LYS B 60 -28.83 -19.14 -10.28
N VAL B 61 -27.54 -18.86 -10.22
CA VAL B 61 -26.64 -19.59 -9.33
C VAL B 61 -26.57 -18.86 -8.00
N PRO B 62 -26.86 -19.56 -6.89
CA PRO B 62 -26.69 -18.91 -5.58
C PRO B 62 -25.23 -18.53 -5.35
N ALA B 63 -25.02 -17.51 -4.54
CA ALA B 63 -23.68 -17.03 -4.21
C ALA B 63 -22.75 -18.12 -3.70
N ASP B 64 -23.19 -18.95 -2.73
CA ASP B 64 -22.31 -19.96 -2.17
CA ASP B 64 -22.31 -19.97 -2.17
C ASP B 64 -21.83 -20.91 -3.27
N GLU B 65 -22.75 -21.33 -4.13
CA GLU B 65 -22.42 -22.27 -5.20
C GLU B 65 -21.51 -21.63 -6.26
N TRP B 66 -21.81 -20.39 -6.65
CA TRP B 66 -20.95 -19.68 -7.60
C TRP B 66 -19.52 -19.53 -7.07
N LEU B 67 -19.40 -19.12 -5.81
CA LEU B 67 -18.09 -18.83 -5.25
C LEU B 67 -17.23 -20.11 -5.03
N LYS B 68 -17.89 -21.27 -5.02
CA LYS B 68 -17.16 -22.55 -4.96
CA LYS B 68 -17.19 -22.57 -4.99
C LYS B 68 -16.29 -22.74 -6.19
N LEU B 69 -16.51 -21.96 -7.24
CA LEU B 69 -15.59 -21.94 -8.38
C LEU B 69 -14.15 -21.61 -7.98
N MET B 70 -13.98 -20.97 -6.82
CA MET B 70 -12.65 -20.70 -6.29
C MET B 70 -11.81 -21.98 -6.16
N ASP B 71 -12.47 -23.09 -5.86
CA ASP B 71 -11.78 -24.37 -5.73
C ASP B 71 -11.14 -24.83 -7.05
N GLN B 72 -11.63 -24.27 -8.18
CA GLN B 72 -11.11 -24.56 -9.51
C GLN B 72 -10.21 -23.46 -10.07
N TRP B 73 -9.94 -22.42 -9.28
CA TRP B 73 -9.10 -21.31 -9.75
C TRP B 73 -7.63 -21.69 -9.63
N ASN B 74 -7.04 -22.07 -10.75
CA ASN B 74 -5.66 -22.52 -10.81
C ASN B 74 -5.09 -22.24 -12.18
N PRO B 75 -4.88 -20.96 -12.51
CA PRO B 75 -4.47 -20.60 -13.89
C PRO B 75 -2.99 -20.87 -14.12
N THR B 76 -2.63 -22.12 -14.37
CA THR B 76 -1.23 -22.50 -14.38
C THR B 76 -0.42 -21.92 -15.56
N LYS B 77 -1.09 -21.48 -16.63
CA LYS B 77 -0.41 -20.81 -17.73
C LYS B 77 -0.23 -19.28 -17.50
N PHE B 78 -0.73 -18.76 -16.40
CA PHE B 78 -0.59 -17.34 -16.10
C PHE B 78 0.87 -16.93 -15.95
N ASP B 79 1.24 -15.88 -16.65
CA ASP B 79 2.57 -15.31 -16.56
C ASP B 79 2.44 -13.81 -16.79
N ALA B 80 2.57 -13.05 -15.69
CA ALA B 80 2.36 -11.61 -15.72
C ALA B 80 3.32 -10.92 -16.71
N LYS B 81 4.56 -11.42 -16.81
CA LYS B 81 5.52 -10.85 -17.76
C LYS B 81 5.05 -11.04 -19.18
N LYS B 82 4.46 -12.21 -19.48
CA LYS B 82 3.93 -12.46 -20.83
C LYS B 82 2.74 -11.55 -21.12
N TRP B 83 1.88 -11.35 -20.13
CA TRP B 83 0.73 -10.44 -20.27
C TRP B 83 1.20 -9.03 -20.58
N ALA B 84 2.20 -8.58 -19.83
CA ALA B 84 2.73 -7.25 -20.02
C ALA B 84 3.40 -7.10 -21.38
N LYS B 85 4.09 -8.14 -21.84
CA LYS B 85 4.70 -8.11 -23.19
C LYS B 85 3.62 -8.04 -24.27
N MET B 86 2.52 -8.75 -24.09
CA MET B 86 1.41 -8.71 -25.04
C MET B 86 0.84 -7.27 -25.15
N ALA B 87 0.60 -6.66 -24.00
CA ALA B 87 0.12 -5.29 -23.95
C ALA B 87 1.11 -4.32 -24.59
N LYS B 88 2.41 -4.51 -24.30
CA LYS B 88 3.43 -3.66 -24.90
CA LYS B 88 3.46 -3.68 -24.89
C LYS B 88 3.45 -3.79 -26.41
N GLU B 89 3.42 -5.01 -26.92
CA GLU B 89 3.45 -5.22 -28.36
C GLU B 89 2.21 -4.69 -29.05
N MET B 90 1.08 -4.71 -28.35
CA MET B 90 -0.19 -4.13 -28.88
C MET B 90 -0.13 -2.61 -29.02
N GLY B 91 0.77 -1.98 -28.27
CA GLY B 91 0.88 -0.53 -28.26
C GLY B 91 0.05 0.14 -27.19
N THR B 92 -0.44 -0.62 -26.20
CA THR B 92 -1.23 -0.02 -25.13
CA THR B 92 -1.23 -0.03 -25.12
C THR B 92 -0.29 0.73 -24.20
N LYS B 93 -0.75 1.86 -23.67
CA LYS B 93 0.03 2.64 -22.75
C LYS B 93 -0.49 2.46 -21.33
N TYR B 94 -1.63 1.79 -21.19
CA TYR B 94 -2.20 1.47 -19.90
C TYR B 94 -3.14 0.30 -19.98
N VAL B 95 -3.34 -0.34 -18.85
CA VAL B 95 -4.24 -1.47 -18.72
C VAL B 95 -5.16 -1.25 -17.52
N LYS B 96 -6.46 -1.47 -17.74
CA LYS B 96 -7.48 -1.40 -16.70
C LYS B 96 -7.84 -2.81 -16.32
N ILE B 97 -7.75 -3.14 -15.04
CA ILE B 97 -7.89 -4.53 -14.56
C ILE B 97 -9.05 -4.64 -13.59
N THR B 98 -9.92 -5.62 -13.82
CA THR B 98 -10.96 -5.96 -12.87
C THR B 98 -10.39 -6.47 -11.55
N THR B 99 -10.33 -5.58 -10.56
CA THR B 99 -9.86 -5.98 -9.23
C THR B 99 -10.88 -6.90 -8.54
N LYS B 100 -12.16 -6.57 -8.77
CA LYS B 100 -13.32 -7.31 -8.28
C LYS B 100 -14.49 -6.94 -9.20
N HIS B 101 -15.16 -7.92 -9.77
CA HIS B 101 -16.36 -7.69 -10.56
C HIS B 101 -17.59 -7.93 -9.67
N HIS B 102 -18.80 -7.95 -10.26
CA HIS B 102 -20.00 -8.02 -9.47
C HIS B 102 -20.01 -9.28 -8.61
N GLU B 103 -19.44 -10.37 -9.11
CA GLU B 103 -19.37 -11.63 -8.36
C GLU B 103 -18.69 -11.51 -7.01
N GLY B 104 -17.82 -10.52 -6.85
CA GLY B 104 -17.21 -10.24 -5.56
C GLY B 104 -15.87 -10.91 -5.30
N PHE B 105 -15.42 -11.75 -6.21
CA PHE B 105 -14.10 -12.43 -6.10
C PHE B 105 -12.99 -11.41 -6.38
N CYS B 106 -12.07 -11.32 -5.45
CA CYS B 106 -10.99 -10.36 -5.47
C CYS B 106 -9.70 -10.93 -6.02
N LEU B 107 -9.12 -10.22 -6.99
CA LEU B 107 -7.86 -10.61 -7.62
CA LEU B 107 -7.86 -10.62 -7.61
C LEU B 107 -6.63 -10.26 -6.77
N TRP B 108 -6.87 -9.64 -5.59
CA TRP B 108 -5.80 -9.38 -4.63
C TRP B 108 -6.25 -10.01 -3.30
N PRO B 109 -5.31 -10.29 -2.40
CA PRO B 109 -5.67 -10.97 -1.15
C PRO B 109 -6.29 -10.05 -0.08
N SER B 110 -7.54 -9.66 -0.30
CA SER B 110 -8.23 -8.78 0.63
C SER B 110 -8.39 -9.46 1.99
N LYS B 111 -8.25 -8.66 3.04
CA LYS B 111 -8.49 -9.13 4.40
C LYS B 111 -9.93 -8.90 4.83
N TYR B 112 -10.77 -8.36 3.94
CA TYR B 112 -12.15 -7.98 4.30
C TYR B 112 -13.21 -8.94 3.77
N THR B 113 -12.75 -9.99 3.10
CA THR B 113 -13.59 -11.07 2.61
C THR B 113 -12.74 -12.33 2.40
N LYS B 114 -13.39 -13.50 2.49
CA LYS B 114 -12.69 -14.74 2.18
C LYS B 114 -12.69 -15.06 0.68
N TYR B 115 -13.44 -14.30 -0.11
CA TYR B 115 -13.57 -14.60 -1.53
C TYR B 115 -12.48 -13.88 -2.34
N THR B 116 -11.26 -14.43 -2.24
CA THR B 116 -10.07 -13.87 -2.86
C THR B 116 -9.15 -14.95 -3.42
N VAL B 117 -8.23 -14.48 -4.25
CA VAL B 117 -7.16 -15.29 -4.81
C VAL B 117 -6.36 -16.08 -3.78
N ALA B 118 -6.27 -15.59 -2.55
CA ALA B 118 -5.48 -16.27 -1.52
C ALA B 118 -6.08 -17.62 -1.14
N ASN B 119 -7.41 -17.74 -1.27
CA ASN B 119 -8.13 -18.95 -0.84
C ASN B 119 -8.56 -19.79 -2.05
N THR B 120 -7.63 -19.88 -3.00
CA THR B 120 -7.76 -20.72 -4.17
C THR B 120 -6.52 -21.58 -4.22
N PRO B 121 -6.54 -22.61 -5.05
CA PRO B 121 -5.33 -23.41 -5.18
C PRO B 121 -4.12 -22.60 -5.68
N TYR B 122 -4.36 -21.56 -6.48
CA TYR B 122 -3.25 -20.78 -7.04
C TYR B 122 -2.56 -19.89 -6.00
N LYS B 123 -3.33 -19.39 -5.03
CA LYS B 123 -2.83 -18.65 -3.85
C LYS B 123 -2.29 -17.25 -4.10
N ARG B 124 -1.68 -17.05 -5.26
CA ARG B 124 -0.85 -15.88 -5.54
C ARG B 124 -1.66 -14.59 -5.77
N ASP B 125 -1.04 -13.48 -5.43
CA ASP B 125 -1.60 -12.14 -5.62
C ASP B 125 -1.51 -11.74 -7.10
N ILE B 126 -2.49 -12.18 -7.87
CA ILE B 126 -2.52 -11.92 -9.31
CA ILE B 126 -2.57 -11.91 -9.29
C ILE B 126 -2.42 -10.42 -9.60
N LEU B 127 -3.17 -9.62 -8.88
CA LEU B 127 -3.20 -8.17 -9.13
C LEU B 127 -1.83 -7.56 -8.90
N GLY B 128 -1.22 -7.90 -7.77
CA GLY B 128 0.15 -7.47 -7.50
C GLY B 128 1.17 -7.85 -8.59
N GLU B 129 1.09 -9.09 -9.07
CA GLU B 129 1.98 -9.57 -10.11
C GLU B 129 1.78 -8.78 -11.40
N LEU B 130 0.54 -8.51 -11.73
CA LEU B 130 0.25 -7.71 -12.91
C LEU B 130 0.72 -6.27 -12.79
N VAL B 131 0.48 -5.64 -11.65
CA VAL B 131 0.90 -4.25 -11.45
C VAL B 131 2.42 -4.13 -11.69
N LYS B 132 3.18 -5.06 -11.12
CA LYS B 132 4.63 -5.06 -11.26
CA LYS B 132 4.63 -5.00 -11.28
C LYS B 132 5.02 -5.25 -12.72
N ALA B 133 4.41 -6.26 -13.37
CA ALA B 133 4.82 -6.61 -14.74
C ALA B 133 4.48 -5.49 -15.72
N TYR B 134 3.27 -4.94 -15.64
CA TYR B 134 2.89 -3.84 -16.53
C TYR B 134 3.80 -2.62 -16.27
N ASN B 135 3.99 -2.28 -15.01
CA ASN B 135 4.83 -1.13 -14.69
C ASN B 135 6.29 -1.29 -15.18
N ASP B 136 6.83 -2.50 -15.12
CA ASP B 136 8.17 -2.78 -15.60
C ASP B 136 8.30 -2.54 -17.10
N GLU B 137 7.19 -2.64 -17.82
CA GLU B 137 7.15 -2.33 -19.25
C GLU B 137 6.80 -0.87 -19.53
N GLY B 138 6.67 -0.06 -18.48
CA GLY B 138 6.28 1.36 -18.62
C GLY B 138 4.82 1.59 -18.95
N ILE B 139 3.98 0.62 -18.57
CA ILE B 139 2.54 0.65 -18.80
C ILE B 139 1.87 1.01 -17.46
N ASP B 140 1.03 2.05 -17.48
CA ASP B 140 0.24 2.43 -16.32
C ASP B 140 -0.88 1.42 -16.07
N VAL B 141 -1.23 1.28 -14.79
CA VAL B 141 -2.30 0.41 -14.35
C VAL B 141 -3.44 1.19 -13.70
N HIS B 142 -4.66 0.87 -14.15
CA HIS B 142 -5.89 1.43 -13.66
C HIS B 142 -6.71 0.29 -13.06
N PHE B 143 -7.45 0.58 -12.00
CA PHE B 143 -8.22 -0.45 -11.30
C PHE B 143 -9.72 -0.29 -11.54
N TYR B 144 -10.31 -1.25 -12.23
CA TYR B 144 -11.75 -1.42 -12.27
C TYR B 144 -12.20 -1.96 -10.91
N PHE B 145 -13.27 -1.39 -10.39
CA PHE B 145 -13.87 -1.85 -9.13
C PHE B 145 -15.39 -1.79 -9.20
N SER B 146 -16.04 -2.94 -8.98
CA SER B 146 -17.49 -2.99 -8.92
C SER B 146 -17.99 -2.74 -7.51
N VAL B 147 -18.77 -1.67 -7.35
CA VAL B 147 -19.39 -1.37 -6.02
C VAL B 147 -20.46 -2.44 -5.70
N MET B 148 -21.37 -2.68 -6.63
CA MET B 148 -22.28 -3.81 -6.50
C MET B 148 -21.49 -5.11 -6.27
N ASP B 149 -21.87 -5.86 -5.24
CA ASP B 149 -21.13 -7.06 -4.86
C ASP B 149 -22.11 -8.16 -4.45
N TRP B 150 -22.28 -9.12 -5.35
CA TRP B 150 -23.17 -10.26 -5.16
C TRP B 150 -22.69 -11.27 -4.10
N SER B 151 -21.47 -11.09 -3.55
CA SER B 151 -20.96 -12.02 -2.54
C SER B 151 -21.24 -11.56 -1.12
N ASN B 152 -21.59 -10.29 -0.94
CA ASN B 152 -21.80 -9.72 0.39
C ASN B 152 -23.30 -9.47 0.64
N PRO B 153 -23.91 -10.19 1.59
CA PRO B 153 -25.36 -10.05 1.82
C PRO B 153 -25.82 -8.67 2.36
N ASP B 154 -24.88 -7.82 2.79
CA ASP B 154 -25.20 -6.45 3.18
C ASP B 154 -25.44 -5.52 1.99
N TYR B 155 -25.05 -5.93 0.78
CA TYR B 155 -25.44 -5.15 -0.37
C TYR B 155 -26.97 -4.99 -0.44
N ARG B 156 -27.42 -3.82 -0.91
CA ARG B 156 -28.84 -3.55 -1.16
C ARG B 156 -28.97 -2.84 -2.51
N TYR B 157 -30.02 -3.19 -3.26
CA TYR B 157 -30.36 -2.53 -4.54
C TYR B 157 -31.14 -1.25 -4.30
N ASP B 158 -31.86 -1.20 -3.18
CA ASP B 158 -32.59 0.01 -2.77
C ASP B 158 -32.70 -0.02 -1.24
N ILE B 159 -33.01 1.14 -0.68
CA ILE B 159 -33.16 1.30 0.77
C ILE B 159 -34.64 1.53 1.07
N LYS B 160 -35.30 0.52 1.63
CA LYS B 160 -36.74 0.57 1.90
C LYS B 160 -37.08 0.35 3.39
N SER B 161 -36.08 0.28 4.24
CA SER B 161 -36.29 0.03 5.66
C SER B 161 -35.08 0.45 6.45
N LYS B 162 -35.27 0.60 7.76
CA LYS B 162 -34.17 0.86 8.69
C LYS B 162 -33.12 -0.25 8.62
N GLU B 163 -33.55 -1.50 8.50
CA GLU B 163 -32.62 -2.63 8.37
C GLU B 163 -31.78 -2.52 7.09
N ASP B 164 -32.42 -2.13 6.00
CA ASP B 164 -31.70 -1.89 4.75
C ASP B 164 -30.61 -0.82 4.95
N SER B 165 -30.97 0.27 5.62
CA SER B 165 -30.04 1.38 5.84
CA SER B 165 -30.03 1.38 5.85
C SER B 165 -28.83 0.95 6.67
N ILE B 166 -29.09 0.23 7.75
CA ILE B 166 -28.03 -0.28 8.61
C ILE B 166 -27.08 -1.25 7.86
N ALA B 167 -27.65 -2.18 7.11
CA ALA B 167 -26.86 -3.14 6.34
C ALA B 167 -26.02 -2.44 5.27
N PHE B 168 -26.63 -1.50 4.57
CA PHE B 168 -25.95 -0.85 3.48
C PHE B 168 -24.80 0.02 4.02
N SER B 169 -24.97 0.58 5.22
CA SER B 169 -23.90 1.36 5.86
CA SER B 169 -23.90 1.35 5.85
C SER B 169 -22.68 0.46 6.11
N ARG B 170 -22.94 -0.75 6.58
CA ARG B 170 -21.88 -1.73 6.78
C ARG B 170 -21.21 -2.05 5.43
N PHE B 171 -22.03 -2.16 4.40
CA PHE B 171 -21.54 -2.47 3.07
C PHE B 171 -20.59 -1.37 2.53
N LEU B 172 -20.95 -0.11 2.77
CA LEU B 172 -20.14 0.99 2.32
C LEU B 172 -18.82 1.07 3.08
N GLU B 173 -18.82 0.74 4.36
CA GLU B 173 -17.60 0.68 5.14
C GLU B 173 -16.67 -0.44 4.63
N PHE B 174 -17.25 -1.60 4.35
CA PHE B 174 -16.56 -2.77 3.74
C PHE B 174 -15.92 -2.33 2.42
N THR B 175 -16.71 -1.61 1.63
CA THR B 175 -16.23 -1.10 0.34
C THR B 175 -15.04 -0.17 0.51
N ASP B 176 -15.16 0.79 1.42
CA ASP B 176 -14.05 1.67 1.76
C ASP B 176 -12.80 0.88 2.13
N ASN B 177 -12.98 -0.12 2.99
CA ASN B 177 -11.83 -0.90 3.47
C ASN B 177 -11.08 -1.60 2.33
N GLN B 178 -11.84 -2.15 1.39
CA GLN B 178 -11.22 -2.72 0.20
C GLN B 178 -10.50 -1.69 -0.69
N LEU B 179 -11.12 -0.54 -0.90
CA LEU B 179 -10.53 0.53 -1.70
C LEU B 179 -9.22 1.02 -1.07
N LYS B 180 -9.22 1.14 0.25
CA LYS B 180 -8.01 1.54 0.98
C LYS B 180 -6.86 0.52 0.84
N GLU B 181 -7.21 -0.78 0.87
CA GLU B 181 -6.25 -1.85 0.56
C GLU B 181 -5.65 -1.66 -0.82
N LEU B 182 -6.51 -1.46 -1.80
CA LEU B 182 -6.02 -1.28 -3.15
C LEU B 182 -5.09 -0.07 -3.33
N ALA B 183 -5.48 1.08 -2.77
CA ALA B 183 -4.74 2.32 -2.92
C ALA B 183 -3.38 2.32 -2.22
N THR B 184 -3.25 1.53 -1.16
CA THR B 184 -2.04 1.52 -0.32
C THR B 184 -1.12 0.31 -0.62
N ARG B 185 -1.70 -0.84 -0.97
CA ARG B 185 -0.94 -1.98 -1.43
C ARG B 185 -0.27 -1.73 -2.76
N TYR B 186 -0.96 -0.99 -3.63
CA TYR B 186 -0.56 -0.81 -5.04
C TYR B 186 -0.51 0.68 -5.34
N PRO B 187 0.46 1.38 -4.72
CA PRO B 187 0.44 2.85 -4.79
C PRO B 187 0.77 3.45 -6.16
N THR B 188 1.20 2.64 -7.11
CA THR B 188 1.41 3.12 -8.50
C THR B 188 0.11 3.16 -9.30
N VAL B 189 -1.01 2.73 -8.73
CA VAL B 189 -2.30 2.82 -9.42
C VAL B 189 -2.54 4.27 -9.88
N LYS B 190 -3.01 4.43 -11.12
CA LYS B 190 -3.22 5.75 -11.69
C LYS B 190 -4.68 6.17 -11.86
N ASP B 191 -5.59 5.23 -11.67
CA ASP B 191 -7.01 5.48 -11.92
C ASP B 191 -7.85 4.43 -11.20
N PHE B 192 -9.01 4.84 -10.69
CA PHE B 192 -10.05 3.92 -10.25
C PHE B 192 -11.27 4.15 -11.15
N TRP B 193 -11.69 3.07 -11.80
CA TRP B 193 -12.82 3.07 -12.72
C TRP B 193 -13.92 2.24 -12.06
N PHE B 194 -14.87 2.95 -11.47
CA PHE B 194 -15.98 2.35 -10.78
C PHE B 194 -17.07 1.90 -11.74
N ASP B 195 -17.68 0.78 -11.36
CA ASP B 195 -18.80 0.17 -12.07
C ASP B 195 -19.80 -0.32 -11.01
N GLY B 196 -21.00 -0.68 -11.46
CA GLY B 196 -21.98 -1.25 -10.58
C GLY B 196 -22.43 -0.25 -9.54
N THR B 197 -22.62 1.01 -10.01
CA THR B 197 -23.02 2.14 -9.16
C THR B 197 -24.38 2.71 -9.58
N TRP B 198 -25.14 1.95 -10.39
CA TRP B 198 -26.39 2.41 -10.99
C TRP B 198 -27.62 2.20 -10.11
N ASP B 199 -27.52 1.34 -9.09
CA ASP B 199 -28.69 1.03 -8.28
C ASP B 199 -29.16 2.20 -7.40
N ALA B 200 -30.46 2.21 -7.10
CA ALA B 200 -31.08 3.24 -6.27
C ALA B 200 -30.35 3.46 -4.95
N SER B 201 -29.84 2.39 -4.37
CA SER B 201 -29.09 2.47 -3.09
C SER B 201 -27.88 3.41 -3.18
N VAL B 202 -27.13 3.29 -4.28
CA VAL B 202 -25.97 4.14 -4.49
C VAL B 202 -26.44 5.56 -4.82
N LYS B 203 -27.45 5.67 -5.68
CA LYS B 203 -28.00 6.96 -6.09
C LYS B 203 -28.46 7.78 -4.88
N LYS B 204 -29.04 7.10 -3.91
CA LYS B 204 -29.49 7.73 -2.66
C LYS B 204 -28.39 8.05 -1.67
N ASN B 205 -27.18 7.59 -1.97
CA ASN B 205 -26.00 7.84 -1.16
C ASN B 205 -24.88 8.53 -1.95
N GLY B 206 -25.24 9.57 -2.66
CA GLY B 206 -24.29 10.34 -3.45
C GLY B 206 -23.13 10.84 -2.61
N TRP B 207 -23.40 11.22 -1.36
CA TRP B 207 -22.38 11.67 -0.41
C TRP B 207 -21.22 10.65 -0.37
N TRP B 208 -21.54 9.36 -0.45
CA TRP B 208 -20.53 8.32 -0.34
C TRP B 208 -19.63 8.33 -1.58
N THR B 209 -20.23 8.58 -2.74
CA THR B 209 -19.51 8.62 -3.98
C THR B 209 -18.52 9.79 -3.97
N ALA B 210 -18.94 10.97 -3.46
CA ALA B 210 -18.06 12.10 -3.32
C ALA B 210 -16.92 11.78 -2.31
N HIS B 211 -17.27 11.12 -1.22
CA HIS B 211 -16.27 10.73 -0.21
C HIS B 211 -15.22 9.74 -0.77
N ALA B 212 -15.65 8.79 -1.58
CA ALA B 212 -14.74 7.82 -2.19
C ALA B 212 -13.74 8.49 -3.13
N GLU B 213 -14.22 9.41 -3.96
CA GLU B 213 -13.34 10.21 -4.79
C GLU B 213 -12.29 10.95 -3.96
N LYS B 214 -12.74 11.66 -2.93
CA LYS B 214 -11.86 12.45 -2.07
CA LYS B 214 -11.83 12.46 -2.11
C LYS B 214 -10.85 11.58 -1.34
N MET B 215 -11.34 10.49 -0.77
CA MET B 215 -10.51 9.51 -0.02
C MET B 215 -9.36 8.97 -0.88
N LEU B 216 -9.68 8.51 -2.08
CA LEU B 216 -8.69 7.97 -2.99
C LEU B 216 -7.69 9.02 -3.47
N LYS B 217 -8.16 10.24 -3.76
CA LYS B 217 -7.28 11.33 -4.16
C LYS B 217 -6.30 11.72 -3.05
N GLU B 218 -6.71 11.57 -1.80
CA GLU B 218 -5.83 11.85 -0.65
CA GLU B 218 -5.82 11.86 -0.68
C GLU B 218 -4.75 10.77 -0.56
N LEU B 219 -5.13 9.53 -0.82
CA LEU B 219 -4.25 8.39 -0.69
C LEU B 219 -3.27 8.24 -1.83
N VAL B 220 -3.68 8.63 -3.04
CA VAL B 220 -2.92 8.40 -4.25
C VAL B 220 -2.84 9.73 -5.01
N PRO B 221 -1.79 10.52 -4.77
CA PRO B 221 -1.67 11.80 -5.45
C PRO B 221 -1.79 11.71 -6.98
N GLY B 222 -2.62 12.57 -7.53
CA GLY B 222 -2.80 12.60 -8.97
C GLY B 222 -3.74 11.56 -9.56
N VAL B 223 -4.25 10.64 -8.73
CA VAL B 223 -5.12 9.60 -9.22
C VAL B 223 -6.32 10.18 -10.00
N ALA B 224 -6.71 9.46 -11.06
CA ALA B 224 -7.95 9.78 -11.77
C ALA B 224 -9.11 8.92 -11.26
N ILE B 225 -10.31 9.48 -11.34
CA ILE B 225 -11.53 8.83 -10.86
C ILE B 225 -12.61 9.04 -11.92
N ASN B 226 -13.25 7.96 -12.35
CA ASN B 226 -14.25 8.09 -13.41
C ASN B 226 -15.58 8.72 -12.98
N SER B 227 -16.29 9.29 -13.96
CA SER B 227 -17.59 9.89 -13.72
C SER B 227 -18.64 8.89 -13.25
N ARG B 228 -18.49 7.63 -13.63
CA ARG B 228 -19.48 6.60 -13.37
C ARG B 228 -19.62 6.32 -11.88
N LEU B 229 -18.60 6.61 -11.10
CA LEU B 229 -18.69 6.49 -9.66
C LEU B 229 -19.80 7.38 -9.10
N ARG B 230 -19.93 8.57 -9.69
CA ARG B 230 -20.47 9.74 -8.98
C ARG B 230 -21.96 9.98 -9.17
N ALA B 231 -22.62 10.18 -8.03
CA ALA B 231 -24.01 10.67 -7.94
C ALA B 231 -24.02 11.88 -7.02
N ASP B 232 -24.85 12.85 -7.36
CA ASP B 232 -24.96 14.07 -6.56
C ASP B 232 -26.06 13.90 -5.47
N ASP B 233 -26.36 15.00 -4.78
CA ASP B 233 -27.34 15.02 -3.67
C ASP B 233 -28.72 14.51 -4.09
N LYS B 234 -29.05 14.69 -5.37
CA LYS B 234 -30.36 14.34 -5.92
C LYS B 234 -30.36 12.99 -6.63
N GLY B 235 -29.22 12.31 -6.65
CA GLY B 235 -29.11 11.01 -7.29
C GLY B 235 -28.80 11.07 -8.78
N LYS B 236 -28.51 12.26 -9.30
CA LYS B 236 -28.08 12.40 -10.70
C LYS B 236 -26.65 11.87 -10.84
N ARG B 237 -26.44 11.05 -11.86
CA ARG B 237 -25.16 10.39 -12.10
C ARG B 237 -24.39 10.95 -13.27
N HIS B 238 -23.05 10.82 -13.17
CA HIS B 238 -22.06 11.27 -14.17
C HIS B 238 -21.92 12.79 -14.20
N PHE B 239 -23.02 13.44 -14.61
CA PHE B 239 -23.14 14.90 -14.56
C PHE B 239 -24.12 15.26 -13.45
N ASP B 240 -23.77 16.27 -12.65
CA ASP B 240 -24.66 16.69 -11.55
C ASP B 240 -25.91 17.46 -12.02
N SER B 241 -26.72 17.88 -11.07
CA SER B 241 -28.03 18.47 -11.35
C SER B 241 -27.92 19.81 -12.05
N ASN B 242 -26.71 20.38 -12.05
CA ASN B 242 -26.44 21.63 -12.78
C ASN B 242 -25.71 21.38 -14.11
N GLY B 243 -25.64 20.11 -14.51
CA GLY B 243 -25.02 19.73 -15.76
C GLY B 243 -23.50 19.66 -15.76
N ARG B 244 -22.87 19.71 -14.58
CA ARG B 244 -21.41 19.69 -14.49
C ARG B 244 -20.89 18.28 -14.31
N LEU B 245 -19.88 17.94 -15.08
CA LEU B 245 -19.25 16.63 -15.01
C LEU B 245 -18.64 16.40 -13.61
N MET B 246 -18.94 15.25 -13.04
CA MET B 246 -18.33 14.84 -11.78
C MET B 246 -17.22 13.82 -12.04
N GLY B 247 -16.30 13.67 -11.09
CA GLY B 247 -15.08 12.91 -11.37
C GLY B 247 -14.20 13.62 -12.40
N ASP B 248 -13.18 12.93 -12.89
CA ASP B 248 -12.11 13.58 -13.68
C ASP B 248 -12.29 13.43 -15.18
N TYR B 249 -13.15 12.49 -15.58
CA TYR B 249 -13.40 12.23 -16.98
C TYR B 249 -14.70 11.52 -17.15
N GLU B 250 -15.33 11.71 -18.30
CA GLU B 250 -16.60 11.06 -18.60
CA GLU B 250 -16.61 11.04 -18.60
C GLU B 250 -16.38 9.61 -19.08
N SER B 251 -17.15 8.68 -18.51
CA SER B 251 -16.96 7.24 -18.73
CA SER B 251 -16.96 7.25 -18.73
C SER B 251 -18.26 6.51 -19.02
N GLY B 252 -19.12 7.12 -19.82
CA GLY B 252 -20.37 6.46 -20.23
C GLY B 252 -20.41 5.82 -21.61
N TYR B 253 -19.42 6.06 -22.48
CA TYR B 253 -19.45 5.50 -23.85
C TYR B 253 -18.92 4.09 -23.73
N GLU B 254 -19.82 3.16 -23.49
CA GLU B 254 -19.51 1.74 -23.30
C GLU B 254 -20.15 1.01 -24.48
N ARG B 255 -19.32 0.59 -25.41
CA ARG B 255 -19.77 -0.06 -26.62
C ARG B 255 -20.59 0.85 -27.51
N ARG B 256 -20.31 2.15 -27.45
CA ARG B 256 -20.84 3.12 -28.42
C ARG B 256 -19.93 4.35 -28.39
N LEU B 257 -20.03 5.25 -29.38
CA LEU B 257 -19.14 6.44 -29.48
C LEU B 257 -19.88 7.72 -29.88
N PRO B 258 -19.35 8.88 -29.49
CA PRO B 258 -20.00 10.13 -29.87
C PRO B 258 -19.95 10.37 -31.38
N ASP B 259 -20.98 11.01 -31.89
CA ASP B 259 -21.05 11.30 -33.31
C ASP B 259 -20.05 12.39 -33.71
N PRO B 260 -19.25 12.14 -34.75
CA PRO B 260 -18.23 13.14 -35.10
C PRO B 260 -18.71 14.51 -35.54
N VAL B 261 -19.97 14.58 -35.98
CA VAL B 261 -20.56 15.87 -36.39
C VAL B 261 -21.42 16.49 -35.29
N LYS B 262 -22.23 15.66 -34.61
CA LYS B 262 -23.28 16.17 -33.74
C LYS B 262 -22.90 16.23 -32.27
N ASP B 263 -21.83 15.54 -31.89
CA ASP B 263 -21.48 15.43 -30.47
C ASP B 263 -20.13 16.07 -30.13
N LEU B 264 -19.82 17.21 -30.77
CA LEU B 264 -18.57 17.92 -30.49
C LEU B 264 -18.47 18.43 -29.05
N LYS B 265 -19.59 18.47 -28.34
CA LYS B 265 -19.59 18.85 -26.92
C LYS B 265 -18.57 18.07 -26.09
N VAL B 266 -18.28 16.82 -26.49
CA VAL B 266 -17.39 15.96 -25.70
C VAL B 266 -15.96 16.48 -25.71
N THR B 267 -15.62 17.35 -26.67
CA THR B 267 -14.29 17.88 -26.72
C THR B 267 -13.99 18.83 -25.54
N GLN B 268 -15.02 19.18 -24.76
CA GLN B 268 -14.88 20.12 -23.66
C GLN B 268 -14.41 19.46 -22.37
N TRP B 269 -14.41 18.13 -22.34
CA TRP B 269 -13.98 17.40 -21.14
C TRP B 269 -13.17 16.19 -21.51
N ASP B 270 -12.39 15.69 -20.56
CA ASP B 270 -11.72 14.41 -20.78
C ASP B 270 -12.78 13.31 -20.73
N TRP B 271 -12.54 12.27 -21.52
CA TRP B 271 -13.42 11.14 -21.55
C TRP B 271 -12.67 9.88 -22.06
N GLU B 272 -13.26 8.73 -21.73
CA GLU B 272 -12.70 7.44 -22.08
C GLU B 272 -13.84 6.49 -22.44
N ALA B 273 -13.72 5.90 -23.63
CA ALA B 273 -14.65 4.85 -24.07
C ALA B 273 -14.02 3.49 -23.84
N CYS B 274 -14.86 2.50 -23.59
CA CYS B 274 -14.41 1.14 -23.45
CA CYS B 274 -14.43 1.12 -23.51
C CYS B 274 -15.23 0.31 -24.51
N MET B 275 -14.62 -0.75 -25.03
CA MET B 275 -15.28 -1.57 -26.05
C MET B 275 -14.93 -3.03 -25.94
N THR B 276 -15.86 -3.86 -26.39
CA THR B 276 -15.68 -5.29 -26.46
C THR B 276 -15.37 -5.68 -27.90
N ILE B 277 -14.77 -6.85 -28.08
CA ILE B 277 -14.46 -7.36 -29.42
C ILE B 277 -15.72 -8.01 -30.03
N PRO B 278 -16.33 -8.99 -29.34
CA PRO B 278 -17.73 -9.35 -29.72
C PRO B 278 -18.71 -8.25 -29.37
N GLU B 279 -19.98 -8.45 -29.70
CA GLU B 279 -20.99 -7.42 -29.47
C GLU B 279 -21.14 -7.12 -27.99
N ASN B 280 -21.15 -8.15 -27.15
CA ASN B 280 -21.47 -7.95 -25.73
C ASN B 280 -20.98 -9.10 -24.85
N GLN B 281 -19.66 -9.28 -24.84
CA GLN B 281 -18.96 -10.20 -23.94
C GLN B 281 -17.71 -9.51 -23.37
N TRP B 282 -17.62 -9.43 -22.05
CA TRP B 282 -16.44 -8.81 -21.42
C TRP B 282 -15.56 -9.91 -20.80
N GLY B 283 -16.16 -10.71 -19.92
CA GLY B 283 -15.47 -11.91 -19.46
C GLY B 283 -15.37 -12.97 -20.54
N TYR B 284 -14.53 -13.97 -20.33
CA TYR B 284 -14.34 -15.08 -21.25
C TYR B 284 -15.63 -15.84 -21.51
N HIS B 285 -16.06 -15.86 -22.77
CA HIS B 285 -17.17 -16.68 -23.21
C HIS B 285 -16.63 -17.67 -24.24
N LYS B 286 -16.93 -18.95 -24.05
CA LYS B 286 -16.38 -20.00 -24.90
C LYS B 286 -16.87 -20.00 -26.34
N ASP B 287 -17.99 -19.34 -26.63
CA ASP B 287 -18.56 -19.39 -27.98
C ASP B 287 -18.76 -18.00 -28.59
N TRP B 288 -17.76 -17.55 -29.34
CA TRP B 288 -17.85 -16.26 -30.00
C TRP B 288 -18.62 -16.27 -31.31
N SER B 289 -19.20 -17.40 -31.68
CA SER B 289 -20.04 -17.45 -32.89
C SER B 289 -21.44 -16.87 -32.66
N LEU B 290 -21.77 -16.59 -31.40
CA LEU B 290 -23.11 -16.20 -31.02
C LEU B 290 -23.48 -14.78 -31.39
N SER B 291 -22.48 -13.94 -31.65
CA SER B 291 -22.70 -12.54 -31.99
C SER B 291 -21.61 -12.04 -32.93
N TYR B 292 -21.78 -10.85 -33.48
CA TYR B 292 -20.80 -10.27 -34.40
C TYR B 292 -19.50 -9.98 -33.65
N VAL B 293 -18.39 -10.36 -34.28
CA VAL B 293 -17.05 -10.12 -33.76
C VAL B 293 -16.34 -9.10 -34.66
N LYS B 294 -15.88 -8.02 -34.07
CA LYS B 294 -15.22 -6.95 -34.80
C LYS B 294 -13.83 -7.38 -35.36
N THR B 295 -13.52 -6.89 -36.57
CA THR B 295 -12.25 -7.09 -37.19
C THR B 295 -11.22 -6.09 -36.66
N PRO B 296 -9.93 -6.38 -36.84
CA PRO B 296 -8.95 -5.41 -36.34
C PRO B 296 -9.16 -4.01 -36.90
N ILE B 297 -9.48 -3.90 -38.18
CA ILE B 297 -9.69 -2.57 -38.76
C ILE B 297 -10.90 -1.86 -38.12
N GLU B 298 -11.98 -2.60 -37.85
CA GLU B 298 -13.12 -2.03 -37.12
C GLU B 298 -12.75 -1.48 -35.74
N VAL B 299 -11.85 -2.18 -35.06
CA VAL B 299 -11.38 -1.73 -33.76
C VAL B 299 -10.46 -0.50 -33.86
N ILE B 300 -9.54 -0.52 -34.83
CA ILE B 300 -8.65 0.59 -35.09
C ILE B 300 -9.45 1.86 -35.44
N ASP B 301 -10.50 1.70 -36.24
CA ASP B 301 -11.40 2.81 -36.55
C ASP B 301 -11.96 3.47 -35.27
N ARG B 302 -12.43 2.65 -34.35
CA ARG B 302 -12.98 3.12 -33.09
C ARG B 302 -11.91 3.82 -32.23
N ILE B 303 -10.70 3.27 -32.19
CA ILE B 303 -9.59 3.91 -31.47
C ILE B 303 -9.32 5.33 -32.01
N VAL B 304 -9.16 5.45 -33.30
CA VAL B 304 -8.84 6.75 -33.90
C VAL B 304 -10.02 7.72 -33.78
N HIS B 305 -11.23 7.20 -33.95
CA HIS B 305 -12.46 7.98 -33.75
C HIS B 305 -12.46 8.64 -32.38
N ALA B 306 -12.17 7.87 -31.35
CA ALA B 306 -12.15 8.43 -30.00
C ALA B 306 -11.11 9.56 -29.88
N VAL B 307 -9.89 9.30 -30.34
CA VAL B 307 -8.79 10.28 -30.22
C VAL B 307 -9.12 11.55 -31.00
N SER B 308 -9.75 11.37 -32.18
CA SER B 308 -10.15 12.49 -33.02
C SER B 308 -11.15 13.42 -32.34
N MET B 309 -11.84 12.92 -31.31
CA MET B 309 -12.84 13.69 -30.58
C MET B 309 -12.39 13.93 -29.13
N GLY B 310 -11.09 13.81 -28.89
CA GLY B 310 -10.49 14.19 -27.62
C GLY B 310 -10.65 13.17 -26.52
N GLY B 311 -10.84 11.90 -26.87
CA GLY B 311 -11.06 10.85 -25.88
C GLY B 311 -10.11 9.65 -26.01
N ASN B 312 -10.04 8.88 -24.95
CA ASN B 312 -9.29 7.63 -24.91
C ASN B 312 -10.17 6.45 -25.33
N MET B 313 -9.53 5.37 -25.75
CA MET B 313 -10.23 4.12 -26.06
C MET B 313 -9.51 2.95 -25.40
N VAL B 314 -10.31 2.09 -24.77
CA VAL B 314 -9.86 0.93 -24.09
C VAL B 314 -10.51 -0.32 -24.73
N VAL B 315 -9.66 -1.20 -25.23
CA VAL B 315 -10.09 -2.44 -25.88
C VAL B 315 -10.05 -3.62 -24.90
N ASN B 316 -11.19 -4.29 -24.75
CA ASN B 316 -11.33 -5.35 -23.76
C ASN B 316 -10.82 -6.74 -24.20
N PHE B 317 -10.23 -7.42 -23.21
CA PHE B 317 -9.77 -8.81 -23.27
C PHE B 317 -10.36 -9.58 -22.08
N GLY B 318 -10.84 -10.78 -22.34
CA GLY B 318 -11.34 -11.69 -21.33
C GLY B 318 -10.48 -12.95 -21.28
N PRO B 319 -9.42 -12.94 -20.46
CA PRO B 319 -8.52 -14.12 -20.47
C PRO B 319 -9.20 -15.43 -20.10
N GLN B 320 -8.62 -16.51 -20.63
CA GLN B 320 -9.07 -17.86 -20.35
C GLN B 320 -8.86 -18.19 -18.88
N ALA B 321 -9.61 -19.18 -18.41
CA ALA B 321 -9.42 -19.69 -17.03
C ALA B 321 -7.99 -20.13 -16.73
N ASP B 322 -7.29 -20.63 -17.75
CA ASP B 322 -5.94 -21.13 -17.55
C ASP B 322 -4.87 -20.06 -17.46
N GLY B 323 -5.25 -18.80 -17.71
CA GLY B 323 -4.31 -17.72 -17.62
C GLY B 323 -3.68 -17.33 -18.93
N ASP B 324 -4.07 -17.98 -20.04
CA ASP B 324 -3.62 -17.58 -21.38
C ASP B 324 -4.76 -16.81 -22.08
N PHE B 325 -4.44 -16.26 -23.23
CA PHE B 325 -5.42 -15.56 -24.09
C PHE B 325 -5.84 -16.39 -25.30
N ARG B 326 -7.12 -16.31 -25.62
CA ARG B 326 -7.67 -17.03 -26.77
C ARG B 326 -7.04 -16.54 -28.08
N PRO B 327 -7.07 -17.40 -29.10
CA PRO B 327 -6.42 -17.02 -30.36
C PRO B 327 -6.93 -15.71 -30.98
N GLU B 328 -8.23 -15.44 -30.89
CA GLU B 328 -8.81 -14.23 -31.51
C GLU B 328 -8.24 -12.98 -30.89
N GLU B 329 -7.99 -13.05 -29.59
CA GLU B 329 -7.44 -11.92 -28.85
C GLU B 329 -5.96 -11.73 -29.11
N LYS B 330 -5.21 -12.82 -29.26
CA LYS B 330 -3.82 -12.72 -29.65
C LYS B 330 -3.71 -12.11 -31.05
N ALA B 331 -4.59 -12.52 -31.97
CA ALA B 331 -4.57 -11.96 -33.33
C ALA B 331 -4.94 -10.46 -33.30
N MET B 332 -5.92 -10.10 -32.49
CA MET B 332 -6.35 -8.69 -32.39
C MET B 332 -5.21 -7.82 -31.86
N ALA B 333 -4.59 -8.26 -30.77
CA ALA B 333 -3.52 -7.46 -30.16
C ALA B 333 -2.35 -7.29 -31.13
N THR B 334 -2.02 -8.36 -31.86
CA THR B 334 -0.92 -8.32 -32.82
C THR B 334 -1.20 -7.39 -33.99
N ALA B 335 -2.42 -7.44 -34.52
CA ALA B 335 -2.81 -6.57 -35.63
C ALA B 335 -2.85 -5.07 -35.21
N ILE B 336 -3.37 -4.79 -34.03
CA ILE B 336 -3.41 -3.44 -33.50
C ILE B 336 -1.97 -2.96 -33.33
N GLY B 337 -1.11 -3.81 -32.77
CA GLY B 337 0.27 -3.43 -32.50
C GLY B 337 1.06 -3.09 -33.74
N LYS B 338 0.83 -3.86 -34.81
CA LYS B 338 1.48 -3.59 -36.06
C LYS B 338 1.04 -2.22 -36.59
N TRP B 339 -0.26 -1.95 -36.53
CA TRP B 339 -0.77 -0.66 -37.02
C TRP B 339 -0.28 0.50 -36.16
N MET B 340 -0.29 0.32 -34.84
CA MET B 340 0.17 1.38 -33.93
C MET B 340 1.68 1.68 -34.06
N ASN B 341 2.47 0.67 -34.36
CA ASN B 341 3.90 0.88 -34.54
C ASN B 341 4.18 1.71 -35.79
N ARG B 342 3.33 1.55 -36.80
CA ARG B 342 3.47 2.25 -38.04
C ARG B 342 2.84 3.68 -37.95
N TYR B 343 1.69 3.81 -37.31
CA TYR B 343 0.84 5.02 -37.38
C TYR B 343 0.58 5.72 -36.06
N GLY B 344 1.14 5.21 -34.96
CA GLY B 344 0.82 5.68 -33.62
C GLY B 344 1.16 7.13 -33.32
N LYS B 345 1.99 7.75 -34.15
CA LYS B 345 2.26 9.18 -34.00
C LYS B 345 0.99 10.02 -34.16
N ALA B 346 -0.04 9.46 -34.83
CA ALA B 346 -1.34 10.11 -34.99
C ALA B 346 -2.34 9.79 -33.90
N VAL B 347 -1.89 8.98 -32.93
CA VAL B 347 -2.75 8.55 -31.83
C VAL B 347 -2.19 9.05 -30.49
N TYR B 348 -1.02 8.58 -30.13
CA TYR B 348 -0.44 8.93 -28.82
C TYR B 348 -0.26 10.45 -28.69
N ALA B 349 -0.69 10.97 -27.56
CA ALA B 349 -0.58 12.40 -27.27
C ALA B 349 -1.27 13.30 -28.30
N CYS B 350 -2.29 12.77 -28.98
CA CYS B 350 -3.05 13.54 -29.95
C CYS B 350 -4.43 13.91 -29.41
N ASP B 351 -5.13 14.76 -30.16
CA ASP B 351 -6.36 15.35 -29.67
C ASP B 351 -7.20 15.83 -30.86
N TYR B 352 -8.37 16.39 -30.53
CA TYR B 352 -9.29 16.99 -31.52
C TYR B 352 -8.60 18.12 -32.28
N ALA B 353 -8.79 18.11 -33.61
CA ALA B 353 -8.09 19.03 -34.50
C ALA B 353 -8.87 20.30 -34.86
N GLY B 354 -10.17 20.34 -34.63
CA GLY B 354 -10.98 21.53 -34.94
C GLY B 354 -11.30 21.72 -36.42
N PHE B 355 -11.20 20.65 -37.19
CA PHE B 355 -11.49 20.68 -38.63
C PHE B 355 -12.88 20.02 -38.86
N GLU B 356 -13.56 20.47 -39.90
CA GLU B 356 -14.82 19.86 -40.36
CA GLU B 356 -14.81 19.84 -40.30
C GLU B 356 -14.59 18.38 -40.76
N LYS B 357 -15.47 17.49 -40.31
CA LYS B 357 -15.35 16.06 -40.57
C LYS B 357 -15.48 15.77 -42.07
N GLN B 358 -14.58 14.95 -42.59
CA GLN B 358 -14.63 14.50 -43.97
C GLN B 358 -14.85 13.00 -44.05
N ASP B 359 -15.32 12.53 -45.22
CA ASP B 359 -15.77 11.14 -45.33
C ASP B 359 -14.66 10.10 -45.36
N TRP B 360 -13.43 10.52 -45.68
CA TRP B 360 -12.29 9.59 -45.85
C TRP B 360 -11.79 9.03 -44.50
N GLY B 361 -12.18 9.66 -43.40
CA GLY B 361 -11.66 9.24 -42.09
C GLY B 361 -11.61 10.37 -41.10
N TYR B 362 -10.54 10.41 -40.29
CA TYR B 362 -10.51 11.29 -39.11
C TYR B 362 -9.24 12.15 -39.13
N TYR B 363 -9.35 13.37 -38.61
CA TYR B 363 -8.18 14.17 -38.28
C TYR B 363 -7.83 13.99 -36.83
N THR B 364 -6.54 14.05 -36.54
CA THR B 364 -6.07 14.21 -35.16
C THR B 364 -5.00 15.30 -35.18
N ARG B 365 -4.79 15.89 -34.01
CA ARG B 365 -3.83 16.96 -33.85
C ARG B 365 -2.75 16.59 -32.84
N GLY B 366 -1.49 16.77 -33.24
CA GLY B 366 -0.34 16.53 -32.34
C GLY B 366 -0.04 17.70 -31.43
N LYS B 367 0.99 17.55 -30.59
CA LYS B 367 1.33 18.58 -29.59
C LYS B 367 1.96 19.83 -30.19
N ASN B 368 2.50 19.71 -31.40
CA ASN B 368 3.13 20.85 -32.04
C ASN B 368 2.47 21.23 -33.36
N ASP B 369 1.14 21.25 -33.33
CA ASP B 369 0.30 21.68 -34.43
C ASP B 369 0.33 20.78 -35.67
N GLU B 370 0.87 19.58 -35.56
CA GLU B 370 0.77 18.61 -36.62
C GLU B 370 -0.71 18.28 -36.77
N VAL B 371 -1.17 18.17 -38.02
CA VAL B 371 -2.51 17.65 -38.28
C VAL B 371 -2.38 16.37 -39.10
N TYR B 372 -2.89 15.28 -38.55
CA TYR B 372 -2.83 13.97 -39.18
C TYR B 372 -4.17 13.66 -39.82
N MET B 373 -4.14 13.23 -41.08
CA MET B 373 -5.29 12.65 -41.76
C MET B 373 -5.17 11.12 -41.66
N VAL B 374 -6.12 10.49 -40.98
CA VAL B 374 -6.16 9.04 -40.86
C VAL B 374 -7.26 8.50 -41.77
N VAL B 375 -6.83 7.89 -42.87
CA VAL B 375 -7.72 7.52 -43.98
C VAL B 375 -8.19 6.07 -43.83
N PHE B 376 -9.50 5.90 -43.65
CA PHE B 376 -10.17 4.63 -43.56
C PHE B 376 -11.00 4.29 -44.81
N ASN B 377 -11.41 5.32 -45.56
CA ASN B 377 -12.29 5.11 -46.72
C ASN B 377 -11.66 5.80 -47.90
N GLN B 378 -11.19 5.01 -48.85
CA GLN B 378 -10.33 5.47 -49.94
C GLN B 378 -11.18 5.98 -51.10
N PRO B 379 -11.08 7.27 -51.44
CA PRO B 379 -11.91 7.83 -52.51
CA PRO B 379 -11.95 7.75 -52.51
C PRO B 379 -11.54 7.32 -53.90
N TYR B 380 -12.53 6.88 -54.68
CA TYR B 380 -12.28 6.58 -56.10
C TYR B 380 -11.76 7.78 -56.87
N SER B 381 -12.13 8.98 -56.43
CA SER B 381 -11.63 10.22 -57.02
C SER B 381 -10.11 10.41 -56.89
N GLU B 382 -9.50 9.64 -55.99
CA GLU B 382 -8.05 9.71 -55.70
C GLU B 382 -7.64 11.05 -55.06
N ARG B 383 -8.63 11.73 -54.50
CA ARG B 383 -8.44 13.06 -53.89
C ARG B 383 -9.13 13.03 -52.53
N LEU B 384 -8.42 13.47 -51.51
CA LEU B 384 -8.92 13.57 -50.13
C LEU B 384 -9.21 15.04 -49.84
N ILE B 385 -10.48 15.36 -49.66
CA ILE B 385 -10.91 16.74 -49.44
C ILE B 385 -10.52 17.21 -48.03
N VAL B 386 -9.87 18.37 -47.97
CA VAL B 386 -9.51 19.02 -46.72
C VAL B 386 -10.05 20.47 -46.75
N LYS B 387 -11.05 20.71 -45.90
CA LYS B 387 -11.59 22.07 -45.67
C LYS B 387 -10.99 22.60 -44.39
N THR B 388 -10.28 23.72 -44.51
CA THR B 388 -9.53 24.30 -43.39
C THR B 388 -10.39 25.32 -42.63
N PRO B 389 -10.20 25.41 -41.29
CA PRO B 389 -10.82 26.51 -40.56
C PRO B 389 -10.32 27.85 -41.10
N LYS B 390 -11.05 28.93 -40.81
CA LYS B 390 -10.69 30.27 -41.25
C LYS B 390 -9.27 30.58 -40.80
N GLY B 391 -8.47 31.12 -41.72
CA GLY B 391 -7.11 31.56 -41.41
C GLY B 391 -6.04 30.47 -41.37
N ILE B 392 -6.45 29.22 -41.65
CA ILE B 392 -5.52 28.10 -41.66
C ILE B 392 -5.26 27.68 -43.10
N THR B 393 -3.97 27.53 -43.44
CA THR B 393 -3.57 27.00 -44.74
C THR B 393 -2.76 25.72 -44.57
N VAL B 394 -2.77 24.92 -45.63
CA VAL B 394 -1.99 23.68 -45.68
C VAL B 394 -0.76 23.94 -46.50
N GLU B 395 0.40 23.82 -45.85
CA GLU B 395 1.71 24.11 -46.50
C GLU B 395 2.37 22.88 -47.14
N LYS B 396 2.09 21.71 -46.58
CA LYS B 396 2.74 20.49 -47.02
C LYS B 396 1.92 19.29 -46.54
N ALA B 397 1.98 18.22 -47.32
CA ALA B 397 1.45 16.90 -46.92
C ALA B 397 2.52 15.87 -47.14
N THR B 398 2.59 14.89 -46.23
CA THR B 398 3.63 13.89 -46.21
C THR B 398 3.04 12.55 -45.80
N LEU B 399 3.36 11.49 -46.54
CA LEU B 399 2.94 10.15 -46.13
C LEU B 399 3.77 9.76 -44.90
N LEU B 400 3.10 9.47 -43.79
CA LEU B 400 3.79 9.30 -42.52
C LEU B 400 4.86 8.20 -42.57
N THR B 401 4.53 7.06 -43.15
CA THR B 401 5.43 5.92 -43.11
C THR B 401 6.70 6.10 -43.93
N THR B 402 6.62 6.75 -45.09
CA THR B 402 7.75 6.84 -46.01
C THR B 402 8.39 8.22 -46.05
N GLY B 403 7.67 9.24 -45.58
CA GLY B 403 8.12 10.61 -45.70
C GLY B 403 7.98 11.20 -47.11
N GLU B 404 7.33 10.48 -48.01
CA GLU B 404 7.19 10.98 -49.38
C GLU B 404 6.23 12.19 -49.41
N ASP B 405 6.53 13.12 -50.30
CA ASP B 405 5.72 14.33 -50.44
C ASP B 405 4.44 13.96 -51.18
N ILE B 406 3.33 14.53 -50.71
CA ILE B 406 2.00 14.28 -51.27
C ILE B 406 1.47 15.60 -51.84
N THR B 407 1.03 15.59 -53.07
CA THR B 407 0.53 16.82 -53.68
C THR B 407 -0.72 17.37 -52.97
N VAL B 408 -0.73 18.68 -52.79
CA VAL B 408 -1.84 19.44 -52.22
C VAL B 408 -2.26 20.50 -53.26
N VAL B 409 -3.52 20.43 -53.68
CA VAL B 409 -4.07 21.33 -54.70
C VAL B 409 -5.22 22.14 -54.11
N GLU B 410 -5.11 23.46 -54.22
CA GLU B 410 -6.17 24.33 -53.78
C GLU B 410 -7.38 24.23 -54.72
N THR B 411 -8.55 24.00 -54.18
CA THR B 411 -9.75 23.89 -55.03
C THR B 411 -10.66 25.11 -54.90
N THR B 412 -10.77 25.63 -53.68
CA THR B 412 -11.55 26.84 -53.36
C THR B 412 -10.80 27.61 -52.26
N ARG B 413 -11.34 28.79 -51.89
CA ARG B 413 -10.75 29.65 -50.84
C ARG B 413 -10.49 28.99 -49.49
N ASN B 414 -11.20 27.92 -49.16
CA ASN B 414 -10.98 27.23 -47.87
CA ASN B 414 -10.96 27.25 -47.87
C ASN B 414 -10.84 25.73 -48.01
N GLU B 415 -10.52 25.27 -49.21
CA GLU B 415 -10.53 23.84 -49.46
C GLU B 415 -9.38 23.39 -50.37
N TYR B 416 -8.84 22.22 -50.05
CA TYR B 416 -7.83 21.55 -50.85
C TYR B 416 -8.25 20.11 -51.20
N ASN B 417 -7.69 19.63 -52.31
CA ASN B 417 -7.58 18.19 -52.55
C ASN B 417 -6.17 17.74 -52.19
N VAL B 418 -6.06 16.81 -51.24
CA VAL B 418 -4.81 16.16 -50.95
C VAL B 418 -4.81 14.82 -51.71
N SER B 419 -3.79 14.58 -52.53
CA SER B 419 -3.75 13.40 -53.37
C SER B 419 -3.59 12.16 -52.49
N VAL B 420 -4.23 11.06 -52.89
CA VAL B 420 -3.88 9.77 -52.29
C VAL B 420 -2.43 9.40 -52.69
N PRO B 421 -1.79 8.52 -51.93
CA PRO B 421 -0.40 8.10 -52.29
C PRO B 421 -0.39 7.35 -53.63
N LYS B 422 0.70 7.44 -54.37
CA LYS B 422 0.76 6.79 -55.68
CA LYS B 422 0.80 6.79 -55.68
C LYS B 422 0.60 5.29 -55.56
N LYS B 423 1.11 4.74 -54.46
N LYS B 423 1.15 4.71 -54.51
CA LYS B 423 0.92 3.32 -54.14
CA LYS B 423 0.92 3.30 -54.21
C LYS B 423 -0.11 3.21 -53.02
C LYS B 423 -0.10 3.23 -53.07
N ASN B 424 -1.20 2.51 -53.30
CA ASN B 424 -2.26 2.32 -52.30
C ASN B 424 -1.67 1.61 -51.08
N PRO B 425 -1.76 2.23 -49.90
CA PRO B 425 -1.20 1.58 -48.72
C PRO B 425 -1.85 0.26 -48.35
N GLY B 426 -3.08 0.03 -48.81
CA GLY B 426 -3.74 -1.27 -48.61
C GLY B 426 -4.21 -1.54 -47.19
N GLU B 427 -4.28 -0.48 -46.40
CA GLU B 427 -4.72 -0.50 -45.01
C GLU B 427 -5.02 0.96 -44.62
N PRO B 428 -5.72 1.20 -43.51
CA PRO B 428 -5.89 2.59 -43.08
C PRO B 428 -4.51 3.21 -42.84
N TYR B 429 -4.34 4.44 -43.31
CA TYR B 429 -3.02 5.06 -43.38
C TYR B 429 -3.06 6.54 -42.96
N VAL B 430 -1.88 7.13 -42.74
CA VAL B 430 -1.78 8.49 -42.26
C VAL B 430 -1.03 9.39 -43.22
N ILE B 431 -1.63 10.55 -43.49
CA ILE B 431 -0.93 11.65 -44.16
C ILE B 431 -0.80 12.80 -43.15
N GLN B 432 0.43 13.27 -42.94
CA GLN B 432 0.68 14.32 -42.01
C GLN B 432 0.71 15.66 -42.74
N LEU B 433 -0.09 16.62 -42.26
CA LEU B 433 -0.11 17.96 -42.80
C LEU B 433 0.70 18.93 -41.94
N LYS B 434 1.42 19.81 -42.63
CA LYS B 434 1.98 21.01 -42.05
C LYS B 434 1.01 22.15 -42.34
N VAL B 435 0.48 22.77 -41.28
CA VAL B 435 -0.48 23.87 -41.42
C VAL B 435 0.09 25.17 -40.82
N ARG B 436 -0.44 26.29 -41.30
CA ARG B 436 0.01 27.60 -40.90
C ARG B 436 -1.22 28.43 -40.57
N ALA B 437 -1.12 29.19 -39.48
CA ALA B 437 -2.23 30.01 -39.02
C ALA B 437 -1.87 31.45 -39.29
N ALA B 438 -2.74 32.18 -39.99
CA ALA B 438 -2.50 33.60 -40.30
C ALA B 438 -2.51 34.47 -39.03
N LYS B 439 -1.77 35.58 -39.08
CA LYS B 439 -1.72 36.54 -37.98
C LYS B 439 -2.97 37.40 -37.96
CAL LM5 C . 17.28 11.98 23.46
N1 LM5 C . 16.71 11.17 22.34
C LM5 C . 16.68 9.85 22.47
O LM5 C . 17.12 9.31 23.44
CA LM5 C . 16.08 9.00 21.34
N LM5 C . 15.23 7.89 21.80
CD1 LM5 C . 15.83 6.61 21.31
CAF LM5 C . 14.82 5.50 21.04
CG LM5 C . 16.54 7.08 20.02
OD2 LM5 C . 15.60 7.40 19.02
CB LM5 C . 17.22 8.32 20.54
OG LM5 C . 17.73 9.17 19.51
N1 IMD D . 16.88 -5.98 9.91
C2 IMD D . 15.96 -5.79 8.93
N3 IMD D . 14.86 -5.37 9.50
C4 IMD D . 15.06 -5.31 10.86
C5 IMD D . 16.35 -5.69 11.11
N1 IMD E . 1.82 -23.34 36.98
C2 IMD E . 2.32 -22.51 37.93
N3 IMD E . 3.31 -21.76 37.41
C4 IMD E . 3.43 -22.09 36.11
C5 IMD E . 2.51 -23.09 35.84
N1 IMD F . 12.56 3.08 33.09
C2 IMD F . 11.27 2.68 33.02
N3 IMD F . 10.67 2.92 34.22
C4 IMD F . 11.59 3.49 35.03
C5 IMD F . 12.76 3.59 34.31
S SO4 G . 11.44 9.94 28.70
O1 SO4 G . 12.82 10.33 28.43
O2 SO4 G . 10.61 10.22 27.53
O3 SO4 G . 11.44 8.48 28.96
O4 SO4 G . 11.00 10.70 29.90
S SO4 H . 18.41 26.02 13.31
O1 SO4 H . 18.59 26.42 11.90
O2 SO4 H . 16.96 26.09 13.68
O3 SO4 H . 18.92 24.64 13.50
O4 SO4 H . 19.18 26.94 14.19
S SO4 I . 18.65 -26.62 15.31
O1 SO4 I . 18.52 -27.10 13.91
O2 SO4 I . 17.78 -27.41 16.20
O3 SO4 I . 20.05 -26.76 15.74
O4 SO4 I . 18.23 -25.21 15.41
C1 GOL J . 31.45 22.39 17.08
O1 GOL J . 31.66 20.98 17.24
C2 GOL J . 31.78 22.80 15.64
O2 GOL J . 30.61 22.73 14.83
C3 GOL J . 32.35 24.21 15.64
O3 GOL J . 32.46 24.71 14.31
CAN LM5 K . -24.29 -3.12 -19.46
CAO LM5 K . -24.92 -2.62 -20.60
CAP LM5 K . -26.24 -2.94 -20.86
CAQ LM5 K . -26.95 -3.74 -19.98
CAR LM5 K . -26.34 -4.23 -18.82
CAM LM5 K . -24.98 -3.94 -18.57
CAL LM5 K . -24.43 -4.45 -17.38
N1 LM5 K . -22.95 -4.59 -17.36
C LM5 K . -22.08 -3.62 -17.04
O LM5 K . -22.43 -2.45 -16.83
CA LM5 K . -20.59 -3.98 -16.91
N LM5 K . -19.75 -2.85 -17.31
CD1 LM5 K . -18.79 -3.40 -18.29
CAF LM5 K . -17.50 -2.51 -18.38
CG LM5 K . -18.55 -4.82 -17.83
OD2 LM5 K . -17.82 -4.88 -16.58
CB LM5 K . -20.04 -5.23 -17.66
OG LM5 K . -20.20 -6.39 -16.90
N1 IMD L . -2.78 -7.36 -21.12
C2 IMD L . -2.53 -8.41 -21.89
N3 IMD L . -3.30 -8.31 -23.00
C4 IMD L . -4.04 -7.18 -22.89
C5 IMD L . -3.72 -6.58 -21.70
N1 IMD M . -24.20 10.38 5.69
C2 IMD M . -24.70 11.45 5.06
N3 IMD M . -23.69 12.36 4.92
C4 IMD M . -22.58 11.85 5.47
C5 IMD M . -22.90 10.60 5.97
N1 IMD N . -6.99 28.14 -47.59
C2 IMD N . -6.58 28.76 -48.71
N3 IMD N . -6.88 27.98 -49.76
C4 IMD N . -7.49 26.85 -49.31
C5 IMD N . -7.55 26.96 -47.95
N1 IMD O . -27.91 -14.13 -3.69
C2 IMD O . -27.88 -15.37 -4.22
N3 IMD O . -27.80 -16.26 -3.23
C4 IMD O . -27.79 -15.60 -2.06
C5 IMD O . -27.85 -14.25 -2.34
N1 IMD P . -29.11 -12.94 -25.81
C2 IMD P . -29.31 -14.24 -26.14
N3 IMD P . -29.60 -14.92 -25.01
C4 IMD P . -29.61 -14.04 -23.98
C5 IMD P . -29.29 -12.80 -24.48
S SO4 Q . -24.02 3.49 -16.51
O1 SO4 Q . -25.43 3.97 -16.31
O2 SO4 Q . -23.61 2.73 -15.37
O3 SO4 Q . -23.96 2.59 -17.66
O4 SO4 Q . -23.03 4.58 -16.76
#